data_7BLL
#
_entry.id   7BLL
#
_cell.length_a   114.530
_cell.length_b   65.830
_cell.length_c   87.020
_cell.angle_alpha   90.000
_cell.angle_beta   95.830
_cell.angle_gamma   90.000
#
_symmetry.space_group_name_H-M   'C 1 2 1'
#
loop_
_entity.id
_entity.type
_entity.pdbx_description
1 polymer 'SusD homolog'
2 non-polymer DI(HYDROXYETHYL)ETHER
3 non-polymer 1,2-ETHANEDIOL
4 water water
#
_entity_poly.entity_id   1
_entity_poly.type   'polypeptide(L)'
_entity_poly.pdbx_seq_one_letter_code
;(MSE)GSSHHHHHHSSGPQQGLRDIVPDETATEKDAFANPRAALRYLYSCYGYLPQSN(MSE)VQSC(MSE)DFTGDETI
SPFAESYVKFAEGSYDSSNTIISYWNTLFQGIRQCYLLKENIHSVPKISQEEVDLYTAEADFLIAYFHLLLIKCYGPTIL
VKELPALDTPAEN(MSE)LGRRPYDECIDWVADLLDDAATRLPATRNSSDYGRATSVIAKSLKAR(MSE)LLYAASPLFN
GNPDYTDFKNPDGEQL(MSE)STTYSEEKYKRAADATWDAIQAASGAGHELYIASTTSNAYPEPTNLTERTLR(MSE)TF
(MSE)DSENYKEVIFPETRKAGAYGIQRKSIPFFPRGSWNGIAPTIT(MSE)LDRFYTVNGLPIDEDPEFNTNNKLDIVT
IPEGTTYAEPGKRTLY(MSE)N(MSE)NREPRFYAWVAFENGYYECRTDDKRYAYHKFWGAERSEGDKWLTGFLATENCG
VRADDGKIVTAARSQNYSKTGYLNKKGVHPGIQATVGTPGPTVEYPWPVIRLAELYLNYAEACVGYGKEGYPEKG(MSE)
AYLDKVRERAGLKPVLESWANAKVPLTSYDGQCGPDGRV(MSE)KIVRQER(MSE)IELYQENHNFWDIRRWK(MSE)GE
TYFNVKARGLNILAET(MSE)EDFAKIVEIQDKRTFDAPRQYL(MSE)PIPAGEVSKNPN(MSE)VQNPGY
;
_entity_poly.pdbx_strand_id   A
#
loop_
_chem_comp.id
_chem_comp.type
_chem_comp.name
_chem_comp.formula
EDO non-polymer 1,2-ETHANEDIOL 'C2 H6 O2'
PEG non-polymer DI(HYDROXYETHYL)ETHER 'C4 H10 O3'
#
# COMPACT_ATOMS: atom_id res chain seq x y z
N ALA A 32 25.44 8.30 25.45
CA ALA A 32 24.09 8.43 24.92
C ALA A 32 24.01 9.71 24.09
N PHE A 33 24.45 10.81 24.70
CA PHE A 33 24.74 12.06 24.02
C PHE A 33 26.18 12.48 24.27
N ALA A 34 27.07 11.48 24.31
CA ALA A 34 28.46 11.67 24.69
C ALA A 34 29.32 12.23 23.57
N ASN A 35 28.89 12.07 22.33
CA ASN A 35 29.67 12.57 21.19
C ASN A 35 28.71 12.69 20.00
N PRO A 36 29.10 13.38 18.94
CA PRO A 36 28.20 13.57 17.81
C PRO A 36 27.78 12.26 17.14
N ARG A 37 28.66 11.27 17.14
CA ARG A 37 28.33 9.96 16.58
C ARG A 37 27.27 9.27 17.43
N ALA A 38 27.39 9.34 18.75
CA ALA A 38 26.37 8.78 19.61
C ALA A 38 25.03 9.46 19.36
N ALA A 39 25.05 10.80 19.20
CA ALA A 39 23.81 11.52 18.93
C ALA A 39 23.16 11.03 17.64
N LEU A 40 23.96 10.73 16.62
CA LEU A 40 23.39 10.31 15.35
C LEU A 40 22.76 8.94 15.48
N ARG A 41 23.41 8.04 16.21
CA ARG A 41 22.81 6.74 16.44
C ARG A 41 21.48 6.90 17.16
N TYR A 42 21.34 7.97 17.95
CA TYR A 42 20.10 8.23 18.67
C TYR A 42 19.01 8.76 17.76
N LEU A 43 19.35 9.66 16.85
CA LEU A 43 18.39 10.05 15.83
C LEU A 43 17.91 8.83 15.04
N TYR A 44 18.82 7.90 14.73
CA TYR A 44 18.38 6.69 14.02
C TYR A 44 17.46 5.85 14.90
N SER A 45 17.68 5.85 16.21
CA SER A 45 16.74 5.14 17.08
C SER A 45 15.37 5.79 17.06
N CYS A 46 15.31 7.11 16.90
CA CYS A 46 14.01 7.77 16.78
C CYS A 46 13.30 7.31 15.50
N TYR A 47 14.01 7.34 14.37
CA TYR A 47 13.48 6.78 13.12
C TYR A 47 13.02 5.35 13.31
N GLY A 48 13.73 4.59 14.14
CA GLY A 48 13.42 3.20 14.35
C GLY A 48 12.06 2.91 14.93
N TYR A 49 11.48 3.89 15.62
CA TYR A 49 10.14 3.76 16.17
C TYR A 49 9.07 3.87 15.11
N LEU A 50 9.41 4.32 13.90
CA LEU A 50 8.42 4.34 12.85
C LEU A 50 8.02 2.91 12.49
N PRO A 51 6.74 2.65 12.27
CA PRO A 51 6.36 1.30 11.81
C PRO A 51 7.16 0.95 10.57
N GLN A 52 7.59 -0.31 10.48
CA GLN A 52 8.36 -0.75 9.31
C GLN A 52 7.39 -1.41 8.33
N SER A 53 6.96 -0.62 7.34
CA SER A 53 5.83 -1.00 6.50
C SER A 53 6.11 -2.15 5.57
N ASN A 54 7.39 -2.47 5.28
CA ASN A 54 7.78 -3.57 4.42
C ASN A 54 8.12 -4.82 5.21
N MSE A 55 7.95 -4.78 6.52
CA MSE A 55 8.15 -5.95 7.37
CA MSE A 55 8.15 -5.98 7.32
C MSE A 55 6.81 -6.65 7.49
O MSE A 55 6.02 -6.27 8.34
CB MSE A 55 8.70 -5.51 8.74
CB MSE A 55 8.77 -5.68 8.67
CG MSE A 55 8.64 -6.60 9.80
CG MSE A 55 8.99 -6.96 9.39
SE MSE A 55 10.35 -6.73 10.77
SE MSE A 55 10.79 -7.51 9.09
CE MSE A 55 11.30 -7.45 9.20
CE MSE A 55 11.48 -6.84 10.80
H MSE A 55 7.70 -4.08 6.96
H MSE A 55 7.71 -4.08 6.97
HA MSE A 55 8.82 -6.57 7.02
HA MSE A 55 8.79 -6.56 6.88
HB2 MSE A 55 9.62 -5.23 8.63
HB2 MSE A 55 9.62 -5.23 8.55
HB3 MSE A 55 8.17 -4.76 9.06
HB3 MSE A 55 8.16 -5.11 9.19
HG2 MSE A 55 7.94 -6.39 10.44
HG2 MSE A 55 8.86 -6.84 10.35
HG3 MSE A 55 8.46 -7.45 9.37
HG3 MSE A 55 8.38 -7.64 9.07
HE1 MSE A 55 12.12 -7.86 9.50
HE1 MSE A 55 12.42 -7.10 10.89
HE2 MSE A 55 10.74 -8.10 8.76
HE2 MSE A 55 11.40 -5.87 10.82
HE3 MSE A 55 11.50 -6.71 8.59
HE3 MSE A 55 10.96 -7.22 11.52
N VAL A 56 6.57 -7.62 6.59
CA VAL A 56 5.23 -8.15 6.35
C VAL A 56 4.68 -8.80 7.60
N GLN A 57 5.54 -9.49 8.36
CA GLN A 57 5.08 -10.21 9.54
C GLN A 57 4.64 -9.28 10.67
N SER A 58 5.01 -7.99 10.63
CA SER A 58 4.77 -7.10 11.75
C SER A 58 3.96 -5.84 11.41
N CYS A 59 3.81 -5.46 10.14
CA CYS A 59 3.06 -4.24 9.85
C CYS A 59 1.56 -4.47 10.04
N MSE A 60 0.82 -3.38 10.20
CA MSE A 60 -0.60 -3.49 10.47
CA MSE A 60 -0.61 -3.49 10.47
C MSE A 60 -1.39 -3.45 9.17
O MSE A 60 -2.53 -3.94 9.14
CB MSE A 60 -1.03 -2.39 11.43
CB MSE A 60 -1.09 -2.37 11.43
CG MSE A 60 -1.07 -0.99 10.94
CG MSE A 60 -1.81 -1.14 10.86
SE MSE A 60 -2.13 0.15 12.18
SE MSE A 60 -3.16 -0.21 12.07
CE MSE A 60 -3.90 -0.72 11.91
CE MSE A 60 -1.91 0.72 13.22
H MSE A 60 1.12 -2.58 10.16
H MSE A 60 1.12 -2.58 10.16
HA MSE A 60 -0.80 -4.34 10.89
HA MSE A 60 -0.79 -4.32 10.94
HB2 MSE A 60 -1.93 -2.60 11.74
HB2 MSE A 60 -1.71 -2.77 12.06
HB3 MSE A 60 -0.40 -2.40 12.17
HB3 MSE A 60 -0.31 -2.03 11.89
HG2 MSE A 60 -0.17 -0.64 10.89
HG2 MSE A 60 -1.13 -0.48 10.63
HG3 MSE A 60 -1.48 -0.97 10.07
HG3 MSE A 60 -2.29 -1.42 10.06
HE1 MSE A 60 -4.49 -0.09 11.47
HE1 MSE A 60 -2.39 1.10 13.97
HE2 MSE A 60 -3.77 -1.49 11.35
HE2 MSE A 60 -1.25 0.09 13.53
HE3 MSE A 60 -4.25 -0.98 12.77
HE3 MSE A 60 -1.48 1.42 12.71
N ASP A 61 -0.78 -2.94 8.11
CA ASP A 61 -1.55 -2.54 6.93
C ASP A 61 -1.05 -3.12 5.62
N PHE A 62 -0.41 -4.29 5.70
CA PHE A 62 0.04 -4.99 4.48
C PHE A 62 -1.04 -5.00 3.41
N THR A 63 -2.26 -5.40 3.77
CA THR A 63 -3.37 -5.29 2.85
C THR A 63 -4.64 -5.36 3.67
N GLY A 64 -5.70 -4.88 3.09
CA GLY A 64 -7.05 -5.10 3.57
C GLY A 64 -7.69 -6.28 2.89
N ASP A 65 -7.95 -6.18 1.56
CA ASP A 65 -8.64 -7.23 0.83
C ASP A 65 -7.97 -7.58 -0.50
N GLU A 66 -6.72 -7.18 -0.70
CA GLU A 66 -6.14 -7.33 -2.02
C GLU A 66 -5.59 -8.71 -2.26
N THR A 67 -4.91 -9.27 -1.26
CA THR A 67 -4.31 -10.59 -1.34
C THR A 67 -4.74 -11.36 -0.12
N ILE A 68 -4.51 -12.68 -0.16
CA ILE A 68 -4.72 -13.53 0.99
C ILE A 68 -3.61 -14.55 0.98
N SER A 69 -3.24 -15.00 2.18
CA SER A 69 -2.06 -15.84 2.27
C SER A 69 -2.22 -16.81 3.44
N PRO A 70 -1.33 -17.79 3.55
CA PRO A 70 -1.46 -18.76 4.63
C PRO A 70 -0.44 -18.58 5.74
N PHE A 71 0.06 -17.36 5.96
CA PHE A 71 1.20 -17.15 6.85
C PHE A 71 0.85 -16.63 8.24
N ALA A 72 -0.35 -16.16 8.47
CA ALA A 72 -0.77 -15.78 9.82
C ALA A 72 0.11 -14.67 10.40
N GLU A 73 0.28 -13.61 9.63
CA GLU A 73 0.90 -12.41 10.14
C GLU A 73 -0.06 -11.57 10.97
N SER A 74 0.49 -10.59 11.71
CA SER A 74 -0.31 -9.72 12.55
C SER A 74 -1.37 -8.97 11.78
N TYR A 75 -1.06 -8.54 10.54
CA TYR A 75 -2.06 -7.77 9.79
C TYR A 75 -3.32 -8.58 9.54
N VAL A 76 -3.19 -9.91 9.51
CA VAL A 76 -4.32 -10.77 9.24
C VAL A 76 -5.35 -10.62 10.35
N LYS A 77 -4.89 -10.37 11.57
CA LYS A 77 -5.82 -10.20 12.67
C LYS A 77 -6.70 -8.96 12.47
N PHE A 78 -6.18 -7.94 11.78
CA PHE A 78 -7.02 -6.79 11.49
C PHE A 78 -8.05 -7.13 10.42
N ALA A 79 -7.64 -7.93 9.44
CA ALA A 79 -8.58 -8.35 8.39
C ALA A 79 -9.69 -9.17 8.99
N GLU A 80 -9.36 -9.97 9.99
CA GLU A 80 -10.38 -10.77 10.66
C GLU A 80 -11.36 -9.92 11.45
N GLY A 81 -11.02 -8.68 11.77
CA GLY A 81 -11.88 -7.84 12.58
C GLY A 81 -11.72 -8.04 14.06
N SER A 82 -10.65 -8.72 14.48
CA SER A 82 -10.45 -9.17 15.85
C SER A 82 -9.63 -8.14 16.67
N TYR A 83 -10.15 -6.92 16.80
CA TYR A 83 -9.48 -5.87 17.57
C TYR A 83 -10.53 -5.07 18.32
N ASP A 84 -10.21 -4.72 19.56
CA ASP A 84 -11.03 -3.86 20.39
C ASP A 84 -10.12 -3.25 21.45
N SER A 85 -10.71 -2.57 22.44
CA SER A 85 -9.88 -1.83 23.39
C SER A 85 -9.04 -2.75 24.28
N SER A 86 -9.41 -4.02 24.39
CA SER A 86 -8.63 -4.95 25.20
C SER A 86 -7.70 -5.83 24.39
N ASN A 87 -7.81 -5.79 23.06
CA ASN A 87 -7.04 -6.61 22.14
C ASN A 87 -6.68 -5.72 20.94
N THR A 88 -5.63 -4.92 21.09
CA THR A 88 -5.33 -3.91 20.07
C THR A 88 -4.44 -4.44 18.95
N ILE A 89 -3.78 -5.60 19.15
CA ILE A 89 -2.92 -6.29 18.20
C ILE A 89 -1.62 -5.54 17.95
N ILE A 90 -1.73 -4.34 17.39
CA ILE A 90 -0.60 -3.43 17.18
C ILE A 90 -1.06 -2.07 17.65
N SER A 91 -0.43 -1.55 18.68
CA SER A 91 -0.90 -0.32 19.29
C SER A 91 0.07 0.80 18.90
N TYR A 92 -0.27 1.53 17.85
CA TYR A 92 0.47 2.74 17.55
C TYR A 92 0.41 3.71 18.73
N TRP A 93 -0.71 3.71 19.45
CA TRP A 93 -0.88 4.61 20.60
C TRP A 93 0.30 4.50 21.57
N ASN A 94 0.75 3.28 21.82
CA ASN A 94 1.91 3.01 22.65
C ASN A 94 3.22 3.34 21.92
N THR A 95 3.50 2.64 20.81
CA THR A 95 4.84 2.72 20.23
C THR A 95 5.17 4.12 19.72
N LEU A 96 4.23 4.78 19.04
CA LEU A 96 4.54 6.07 18.44
C LEU A 96 4.71 7.16 19.50
N PHE A 97 3.96 7.08 20.60
CA PHE A 97 4.20 7.99 21.72
C PHE A 97 5.61 7.85 22.26
N GLN A 98 6.13 6.61 22.35
N GLN A 98 6.12 6.61 22.36
CA GLN A 98 7.51 6.43 22.78
CA GLN A 98 7.51 6.43 22.78
C GLN A 98 8.49 7.03 21.79
C GLN A 98 8.47 7.06 21.79
N GLY A 99 8.21 6.89 20.49
CA GLY A 99 9.04 7.55 19.49
C GLY A 99 9.02 9.06 19.67
N ILE A 100 7.83 9.63 19.91
CA ILE A 100 7.73 11.07 20.09
C ILE A 100 8.56 11.52 21.27
N ARG A 101 8.53 10.76 22.37
CA ARG A 101 9.31 11.12 23.55
C ARG A 101 10.79 11.21 23.20
N GLN A 102 11.30 10.17 22.53
CA GLN A 102 12.71 10.17 22.14
C GLN A 102 13.07 11.40 21.30
N CYS A 103 12.16 11.83 20.41
CA CYS A 103 12.46 13.02 19.61
C CYS A 103 12.61 14.25 20.49
N TYR A 104 11.74 14.41 21.49
CA TYR A 104 11.86 15.55 22.39
C TYR A 104 13.11 15.45 23.25
N LEU A 105 13.51 14.23 23.62
CA LEU A 105 14.78 14.10 24.34
C LEU A 105 15.93 14.57 23.47
N LEU A 106 16.05 14.05 22.25
CA LEU A 106 17.09 14.52 21.33
C LEU A 106 17.07 16.04 21.23
N LYS A 107 15.90 16.64 21.06
CA LYS A 107 15.81 18.08 20.99
C LYS A 107 16.31 18.74 22.27
N GLU A 108 15.95 18.16 23.42
CA GLU A 108 16.38 18.72 24.70
C GLU A 108 17.90 18.70 24.84
N ASN A 109 18.56 17.67 24.33
CA ASN A 109 19.93 17.36 24.71
C ASN A 109 20.93 17.58 23.59
N ILE A 110 20.52 18.08 22.43
CA ILE A 110 21.40 18.04 21.27
C ILE A 110 22.44 19.16 21.34
N HIS A 111 22.02 20.37 21.75
CA HIS A 111 22.95 21.48 21.89
C HIS A 111 24.09 21.12 22.82
N SER A 112 23.86 20.19 23.73
CA SER A 112 24.80 19.85 24.78
C SER A 112 25.89 18.87 24.36
N VAL A 113 25.78 18.24 23.19
CA VAL A 113 26.73 17.16 22.90
C VAL A 113 28.12 17.76 22.66
N PRO A 114 29.17 17.19 23.22
CA PRO A 114 30.51 17.72 22.98
C PRO A 114 30.89 17.62 21.50
N LYS A 115 31.39 18.72 20.95
CA LYS A 115 32.03 18.75 19.64
C LYS A 115 31.00 18.84 18.53
N ILE A 116 29.75 19.13 18.86
CA ILE A 116 28.67 19.13 17.89
C ILE A 116 28.62 20.48 17.20
N SER A 117 28.43 20.46 15.88
CA SER A 117 28.35 21.68 15.10
C SER A 117 26.93 22.24 15.08
N GLN A 118 26.83 23.55 14.80
CA GLN A 118 25.51 24.13 14.63
C GLN A 118 24.80 23.50 13.44
N GLU A 119 25.55 23.14 12.39
CA GLU A 119 24.97 22.41 11.27
C GLU A 119 24.28 21.14 11.77
N GLU A 120 24.98 20.34 12.57
CA GLU A 120 24.43 19.09 13.09
C GLU A 120 23.24 19.36 14.00
N VAL A 121 23.33 20.39 14.83
CA VAL A 121 22.23 20.73 15.72
C VAL A 121 20.99 21.06 14.91
N ASP A 122 21.13 21.93 13.93
CA ASP A 122 19.99 22.34 13.11
C ASP A 122 19.37 21.13 12.41
N LEU A 123 20.20 20.33 11.74
CA LEU A 123 19.66 19.23 10.92
C LEU A 123 18.98 18.17 11.80
N TYR A 124 19.64 17.73 12.87
CA TYR A 124 19.06 16.68 13.70
C TYR A 124 17.80 17.15 14.39
N THR A 125 17.78 18.42 14.77
CA THR A 125 16.58 19.02 15.33
C THR A 125 15.45 19.07 14.30
N ALA A 126 15.78 19.49 13.08
CA ALA A 126 14.79 19.49 12.01
C ALA A 126 14.24 18.10 11.78
N GLU A 127 15.10 17.08 11.83
CA GLU A 127 14.63 15.73 11.58
C GLU A 127 13.80 15.25 12.76
N ALA A 128 14.20 15.63 13.97
CA ALA A 128 13.42 15.24 15.14
C ALA A 128 12.05 15.90 15.13
N ASP A 129 11.98 17.17 14.69
CA ASP A 129 10.69 17.84 14.53
C ASP A 129 9.84 17.16 13.46
N PHE A 130 10.46 16.84 12.33
CA PHE A 130 9.76 16.11 11.28
C PHE A 130 9.14 14.84 11.85
N LEU A 131 9.93 14.07 12.61
CA LEU A 131 9.44 12.81 13.15
C LEU A 131 8.28 13.05 14.12
N ILE A 132 8.34 14.09 14.94
CA ILE A 132 7.22 14.36 15.84
C ILE A 132 5.96 14.56 15.02
N ALA A 133 6.07 15.35 13.95
CA ALA A 133 4.92 15.60 13.09
C ALA A 133 4.41 14.30 12.49
N TYR A 134 5.32 13.49 11.93
CA TYR A 134 4.95 12.24 11.25
C TYR A 134 4.36 11.22 12.23
N PHE A 135 4.96 11.07 13.42
CA PHE A 135 4.35 10.22 14.44
C PHE A 135 2.89 10.64 14.70
N HIS A 136 2.63 11.94 14.79
CA HIS A 136 1.27 12.40 15.03
C HIS A 136 0.40 12.17 13.80
N LEU A 137 0.98 12.31 12.62
CA LEU A 137 0.22 12.05 11.39
C LEU A 137 -0.26 10.62 11.38
N LEU A 138 0.59 9.70 11.82
CA LEU A 138 0.25 8.29 11.91
C LEU A 138 -0.83 8.06 12.93
N LEU A 139 -0.74 8.77 14.07
CA LEU A 139 -1.79 8.67 15.08
C LEU A 139 -3.12 9.15 14.53
N ILE A 140 -3.13 10.27 13.82
CA ILE A 140 -4.37 10.81 13.25
C ILE A 140 -4.95 9.84 12.22
N LYS A 141 -4.09 9.23 11.42
CA LYS A 141 -4.54 8.24 10.45
C LYS A 141 -5.22 7.06 11.12
N CYS A 142 -4.64 6.60 12.23
CA CYS A 142 -5.09 5.37 12.89
CA CYS A 142 -5.09 5.38 12.90
C CYS A 142 -6.27 5.61 13.81
N TYR A 143 -6.26 6.74 14.51
CA TYR A 143 -7.18 6.95 15.60
C TYR A 143 -8.12 8.13 15.40
N GLY A 144 -7.89 8.94 14.40
CA GLY A 144 -8.66 10.14 14.25
C GLY A 144 -8.15 11.21 15.20
N PRO A 145 -9.01 11.76 16.06
CA PRO A 145 -8.53 12.72 17.07
C PRO A 145 -7.40 12.12 17.88
N THR A 146 -6.40 12.94 18.18
CA THR A 146 -5.26 12.47 18.94
C THR A 146 -4.91 13.45 20.03
N ILE A 147 -4.13 12.97 20.99
CA ILE A 147 -3.38 13.90 21.84
C ILE A 147 -2.36 14.63 20.96
N LEU A 148 -2.03 15.84 21.38
CA LEU A 148 -0.95 16.61 20.75
C LEU A 148 0.17 16.73 21.77
N VAL A 149 1.29 16.03 21.51
CA VAL A 149 2.44 16.02 22.39
C VAL A 149 3.28 17.24 22.03
N LYS A 150 3.12 18.34 22.78
CA LYS A 150 3.76 19.61 22.48
C LYS A 150 5.08 19.80 23.25
N GLU A 151 5.43 18.87 24.12
CA GLU A 151 6.62 18.99 24.93
C GLU A 151 7.00 17.59 25.39
N LEU A 152 8.24 17.44 25.82
CA LEU A 152 8.70 16.15 26.32
C LEU A 152 7.71 15.65 27.38
N PRO A 153 7.15 14.45 27.22
CA PRO A 153 6.29 13.91 28.28
C PRO A 153 7.08 13.05 29.24
N ALA A 154 6.79 13.22 30.52
CA ALA A 154 7.57 12.54 31.55
C ALA A 154 7.08 11.13 31.84
N LEU A 155 5.81 10.85 31.62
CA LEU A 155 5.26 9.54 31.92
C LEU A 155 5.11 8.70 30.64
N ASP A 156 4.98 7.39 30.85
CA ASP A 156 5.14 6.40 29.79
C ASP A 156 4.05 6.48 28.73
N THR A 157 2.82 6.82 29.09
CA THR A 157 1.71 6.79 28.14
C THR A 157 1.03 8.14 28.06
N PRO A 158 0.26 8.38 26.99
CA PRO A 158 -0.44 9.67 26.88
C PRO A 158 -1.37 9.96 28.06
N ALA A 159 -2.20 8.98 28.43
CA ALA A 159 -3.13 9.21 29.53
C ALA A 159 -2.41 9.49 30.85
N GLU A 160 -1.25 8.87 31.07
CA GLU A 160 -0.52 9.09 32.32
C GLU A 160 0.05 10.48 32.41
N ASN A 161 0.27 11.16 31.28
CA ASN A 161 0.63 12.57 31.27
C ASN A 161 -0.58 13.47 31.31
N MSE A 162 -1.77 12.89 31.48
CA MSE A 162 -3.02 13.63 31.49
CA MSE A 162 -3.03 13.61 31.48
C MSE A 162 -3.23 14.41 30.21
O MSE A 162 -3.80 15.50 30.22
CB MSE A 162 -3.07 14.56 32.69
CB MSE A 162 -3.12 14.51 32.71
CG MSE A 162 -3.19 13.80 33.99
CG MSE A 162 -3.21 13.73 34.01
SE MSE A 162 -4.92 12.89 34.02
SE MSE A 162 -4.80 12.57 34.06
CE MSE A 162 -6.07 14.36 33.72
CE MSE A 162 -3.99 10.91 34.60
H MSE A 162 -1.87 12.05 31.61
H MSE A 162 -1.87 12.05 31.61
HA MSE A 162 -3.74 12.99 31.56
HA MSE A 162 -3.76 12.97 31.54
HB2 MSE A 162 -2.26 15.09 32.73
HB2 MSE A 162 -2.32 15.08 32.74
HB3 MSE A 162 -3.84 15.14 32.60
HB3 MSE A 162 -3.91 15.07 32.63
HG2 MSE A 162 -2.48 13.14 34.05
HG2 MSE A 162 -2.42 13.17 34.10
HG3 MSE A 162 -3.14 14.41 34.74
HG3 MSE A 162 -3.26 14.34 34.75
HE1 MSE A 162 -6.94 14.17 34.09
HE1 MSE A 162 -4.61 10.18 34.41
HE2 MSE A 162 -5.69 15.15 34.15
HE2 MSE A 162 -3.17 10.79 34.12
HE3 MSE A 162 -6.15 14.51 32.77
HE3 MSE A 162 -3.82 10.95 35.56
N LEU A 163 -2.79 13.85 29.09
CA LEU A 163 -3.10 14.45 27.79
C LEU A 163 -4.48 14.00 27.35
N GLY A 164 -5.23 14.93 26.77
CA GLY A 164 -6.53 14.60 26.21
C GLY A 164 -6.53 14.73 24.69
N ARG A 165 -7.52 14.14 24.04
CA ARG A 165 -7.60 14.20 22.58
C ARG A 165 -8.18 15.54 22.15
N ARG A 166 -7.66 16.07 21.10
CA ARG A 166 -8.09 17.33 20.54
C ARG A 166 -8.92 17.12 19.28
N PRO A 167 -9.79 18.06 18.93
CA PRO A 167 -10.59 17.88 17.72
C PRO A 167 -9.72 17.52 16.52
N TYR A 168 -10.28 16.65 15.66
CA TYR A 168 -9.57 16.21 14.47
C TYR A 168 -8.95 17.39 13.70
N ASP A 169 -9.76 18.40 13.37
CA ASP A 169 -9.26 19.52 12.56
C ASP A 169 -8.11 20.27 13.27
N GLU A 170 -8.16 20.38 14.60
CA GLU A 170 -7.07 20.99 15.34
C GLU A 170 -5.80 20.19 15.19
N CYS A 171 -5.91 18.86 15.26
CA CYS A 171 -4.74 18.01 15.14
C CYS A 171 -4.15 18.15 13.74
N ILE A 172 -5.01 18.09 12.71
CA ILE A 172 -4.55 18.22 11.33
C ILE A 172 -3.76 19.51 11.17
N ASP A 173 -4.32 20.62 11.66
CA ASP A 173 -3.72 21.94 11.47
C ASP A 173 -2.41 22.06 12.24
N TRP A 174 -2.35 21.48 13.43
CA TRP A 174 -1.11 21.49 14.19
C TRP A 174 0.00 20.76 13.46
N VAL A 175 -0.29 19.55 12.97
CA VAL A 175 0.71 18.73 12.31
C VAL A 175 1.12 19.34 10.99
N ALA A 176 0.16 19.90 10.26
CA ALA A 176 0.50 20.54 8.99
C ALA A 176 1.46 21.71 9.22
N ASP A 177 1.23 22.49 10.28
CA ASP A 177 2.15 23.58 10.61
C ASP A 177 3.54 23.06 10.93
N LEU A 178 3.63 22.01 11.74
CA LEU A 178 4.94 21.48 12.09
C LEU A 178 5.65 20.91 10.87
N LEU A 179 4.91 20.25 9.97
CA LEU A 179 5.55 19.75 8.75
C LEU A 179 6.06 20.88 7.89
N ASP A 180 5.24 21.93 7.74
CA ASP A 180 5.69 23.10 6.96
C ASP A 180 6.94 23.71 7.57
N ASP A 181 7.01 23.80 8.90
CA ASP A 181 8.16 24.43 9.53
C ASP A 181 9.38 23.54 9.41
N ALA A 182 9.22 22.23 9.62
CA ALA A 182 10.33 21.31 9.42
C ALA A 182 10.83 21.36 7.98
N ALA A 183 9.91 21.53 7.02
CA ALA A 183 10.32 21.55 5.63
C ALA A 183 11.32 22.67 5.37
N THR A 184 11.12 23.84 6.00
CA THR A 184 12.04 24.95 5.73
C THR A 184 13.46 24.70 6.24
N ARG A 185 13.67 23.67 7.05
CA ARG A 185 14.97 23.39 7.69
C ARG A 185 15.53 22.05 7.26
N LEU A 186 15.00 21.49 6.18
CA LEU A 186 15.44 20.20 5.69
C LEU A 186 15.94 20.31 4.25
N PRO A 187 16.90 19.49 3.87
CA PRO A 187 17.33 19.44 2.46
C PRO A 187 16.24 18.85 1.59
N ALA A 188 16.33 19.14 0.28
CA ALA A 188 15.37 18.59 -0.68
C ALA A 188 15.68 17.15 -1.06
N THR A 189 16.93 16.72 -0.97
CA THR A 189 17.33 15.33 -1.18
C THR A 189 18.36 14.91 -0.14
N ARG A 190 18.58 13.61 -0.04
CA ARG A 190 19.55 13.04 0.89
C ARG A 190 20.71 12.45 0.10
N ASN A 191 21.88 12.43 0.71
CA ASN A 191 22.96 11.71 0.08
C ASN A 191 22.78 10.21 0.33
N SER A 192 23.61 9.42 -0.33
CA SER A 192 23.40 7.97 -0.32
C SER A 192 23.43 7.43 1.09
N SER A 193 24.33 7.94 1.92
CA SER A 193 24.44 7.37 3.26
C SER A 193 23.23 7.70 4.12
N ASP A 194 22.54 8.79 3.80
CA ASP A 194 21.39 9.26 4.57
C ASP A 194 20.04 8.87 3.98
N TYR A 195 20.03 8.16 2.86
CA TYR A 195 18.79 7.78 2.21
C TYR A 195 17.84 7.11 3.21
N GLY A 196 16.58 7.56 3.19
CA GLY A 196 15.59 7.13 4.15
C GLY A 196 15.27 8.19 5.18
N ARG A 197 16.11 9.22 5.29
CA ARG A 197 15.92 10.29 6.22
C ARG A 197 15.13 11.43 5.58
N ALA A 198 14.69 12.34 6.44
CA ALA A 198 13.67 13.30 6.06
C ALA A 198 14.18 14.34 5.08
N THR A 199 13.30 14.74 4.15
CA THR A 199 13.51 15.85 3.25
C THR A 199 12.30 16.79 3.26
N SER A 200 12.50 18.00 2.75
CA SER A 200 11.37 18.92 2.56
C SER A 200 10.33 18.34 1.62
N VAL A 201 10.75 17.57 0.61
CA VAL A 201 9.80 16.99 -0.32
C VAL A 201 8.92 15.95 0.38
N ILE A 202 9.54 15.09 1.18
CA ILE A 202 8.78 14.15 2.01
C ILE A 202 7.79 14.91 2.89
N ALA A 203 8.27 15.95 3.61
CA ALA A 203 7.38 16.68 4.53
C ALA A 203 6.19 17.28 3.80
N LYS A 204 6.43 17.87 2.64
CA LYS A 204 5.32 18.43 1.88
C LYS A 204 4.39 17.33 1.38
N SER A 205 4.94 16.17 1.02
CA SER A 205 4.12 15.11 0.46
C SER A 205 3.26 14.48 1.53
N LEU A 206 3.81 14.32 2.74
CA LEU A 206 3.02 13.81 3.86
C LEU A 206 1.90 14.77 4.24
N LYS A 207 2.20 16.06 4.31
CA LYS A 207 1.17 17.06 4.59
C LYS A 207 0.03 16.91 3.60
N ALA A 208 0.37 16.85 2.31
CA ALA A 208 -0.65 16.73 1.27
C ALA A 208 -1.50 15.48 1.46
N ARG A 209 -0.86 14.34 1.72
CA ARG A 209 -1.63 13.10 1.88
C ARG A 209 -2.59 13.26 3.05
N MSE A 210 -2.06 13.76 4.17
CA MSE A 210 -2.87 13.86 5.38
C MSE A 210 -4.08 14.77 5.14
O MSE A 210 -5.21 14.47 5.62
CB MSE A 210 -2.01 14.36 6.56
CG MSE A 210 -2.78 15.06 7.64
SE MSE A 210 -1.59 15.50 9.16
CE MSE A 210 -1.15 17.29 8.43
H MSE A 210 -1.26 14.04 4.25
HA MSE A 210 -3.19 12.98 5.64
HB2 MSE A 210 -1.56 13.60 6.96
HB3 MSE A 210 -1.36 14.99 6.22
HG2 MSE A 210 -3.17 15.87 7.30
HG3 MSE A 210 -3.49 14.46 7.96
HE1 MSE A 210 -1.97 17.81 8.37
HE2 MSE A 210 -0.52 17.72 9.02
HE3 MSE A 210 -0.77 17.18 7.55
N LEU A 211 -3.88 15.83 4.36
CA LEU A 211 -4.98 16.77 4.10
C LEU A 211 -6.01 16.14 3.18
N LEU A 212 -5.58 15.30 2.24
CA LEU A 212 -6.54 14.55 1.44
C LEU A 212 -7.34 13.60 2.32
N TYR A 213 -6.69 12.92 3.26
CA TYR A 213 -7.46 12.07 4.15
C TYR A 213 -8.50 12.90 4.91
N ALA A 214 -8.10 14.08 5.38
CA ALA A 214 -9.03 14.91 6.17
C ALA A 214 -10.23 15.35 5.37
N ALA A 215 -10.08 15.46 4.06
CA ALA A 215 -11.19 15.85 3.19
C ALA A 215 -12.09 14.68 2.83
N SER A 216 -11.69 13.45 3.17
CA SER A 216 -12.36 12.25 2.69
C SER A 216 -13.66 12.03 3.44
N PRO A 217 -14.54 11.18 2.91
CA PRO A 217 -15.84 10.99 3.57
C PRO A 217 -15.75 10.62 5.04
N LEU A 218 -14.74 9.86 5.46
CA LEU A 218 -14.73 9.42 6.85
C LEU A 218 -14.55 10.58 7.83
N PHE A 219 -13.90 11.66 7.39
CA PHE A 219 -13.49 12.73 8.29
C PHE A 219 -14.14 14.08 8.02
N ASN A 220 -14.74 14.26 6.87
CA ASN A 220 -15.19 15.57 6.40
C ASN A 220 -16.71 15.64 6.50
N GLY A 221 -17.19 16.09 7.65
CA GLY A 221 -18.63 16.23 7.81
C GLY A 221 -19.36 14.91 7.88
N ASN A 222 -18.73 13.91 8.50
CA ASN A 222 -19.26 12.56 8.46
C ASN A 222 -20.41 12.43 9.46
N PRO A 223 -21.63 12.15 9.02
CA PRO A 223 -22.76 12.08 9.97
C PRO A 223 -22.61 10.99 11.01
N ASP A 224 -21.72 10.02 10.82
CA ASP A 224 -21.54 8.99 11.84
C ASP A 224 -21.01 9.54 13.15
N TYR A 225 -20.43 10.73 13.14
CA TYR A 225 -19.70 11.26 14.28
C TYR A 225 -20.35 12.51 14.89
N THR A 226 -21.65 12.74 14.66
CA THR A 226 -22.31 13.93 15.21
C THR A 226 -22.15 14.04 16.72
N ASP A 227 -22.19 12.92 17.45
CA ASP A 227 -22.09 12.92 18.90
C ASP A 227 -20.72 12.43 19.41
N PHE A 228 -19.68 12.53 18.58
CA PHE A 228 -18.35 12.10 18.98
C PHE A 228 -17.68 13.28 19.68
N LYS A 229 -17.69 13.26 21.01
CA LYS A 229 -17.31 14.41 21.81
C LYS A 229 -16.43 13.98 22.98
N ASN A 230 -15.55 14.87 23.38
CA ASN A 230 -14.84 14.72 24.63
C ASN A 230 -15.83 14.77 25.79
N PRO A 231 -15.45 14.28 26.96
CA PRO A 231 -16.40 14.21 28.09
C PRO A 231 -16.98 15.55 28.48
N ASP A 232 -16.34 16.66 28.13
CA ASP A 232 -16.83 17.97 28.48
C ASP A 232 -17.78 18.53 27.44
N GLY A 233 -18.19 17.71 26.47
CA GLY A 233 -19.05 18.13 25.38
C GLY A 233 -18.34 18.66 24.13
N GLU A 234 -17.03 18.87 24.18
CA GLU A 234 -16.32 19.40 23.03
C GLU A 234 -16.45 18.44 21.84
N GLN A 235 -16.91 18.97 20.71
CA GLN A 235 -17.11 18.15 19.52
C GLN A 235 -15.76 17.84 18.89
N LEU A 236 -15.54 16.56 18.52
CA LEU A 236 -14.21 16.16 18.04
C LEU A 236 -14.09 16.08 16.52
N MSE A 237 -15.18 15.87 15.81
CA MSE A 237 -15.20 15.72 14.37
C MSE A 237 -16.03 16.84 13.74
O MSE A 237 -17.06 17.27 14.31
CB MSE A 237 -15.79 14.34 14.01
CG MSE A 237 -14.99 13.17 14.54
SE MSE A 237 -13.23 13.07 13.58
CE MSE A 237 -13.11 11.14 13.30
H MSE A 237 -15.97 15.81 16.16
HA MSE A 237 -14.31 15.76 14.00
HB2 MSE A 237 -16.69 14.27 14.37
HB3 MSE A 237 -15.83 14.26 13.04
HG2 MSE A 237 -14.82 13.29 15.49
HG3 MSE A 237 -15.47 12.34 14.40
HE1 MSE A 237 -13.85 10.85 12.73
HE2 MSE A 237 -12.27 10.93 12.87
HE3 MSE A 237 -13.17 10.69 14.15
N SER A 238 -15.59 17.33 12.58
CA SER A 238 -16.40 18.29 11.85
C SER A 238 -17.79 17.72 11.63
N THR A 239 -18.81 18.57 11.72
CA THR A 239 -20.20 18.14 11.56
C THR A 239 -20.79 18.54 10.23
N THR A 240 -20.14 19.41 9.48
CA THR A 240 -20.65 19.87 8.20
C THR A 240 -19.59 19.65 7.15
N TYR A 241 -20.01 19.08 6.01
CA TYR A 241 -19.09 18.86 4.89
C TYR A 241 -18.55 20.20 4.41
N SER A 242 -17.25 20.23 4.11
CA SER A 242 -16.59 21.43 3.59
C SER A 242 -15.84 21.05 2.32
N GLU A 243 -16.32 21.55 1.17
CA GLU A 243 -15.58 21.43 -0.08
C GLU A 243 -14.21 22.10 0.01
N GLU A 244 -14.06 23.11 0.86
CA GLU A 244 -12.79 23.82 0.98
C GLU A 244 -11.65 22.89 1.41
N LYS A 245 -11.99 21.82 2.14
CA LYS A 245 -10.99 20.87 2.59
C LYS A 245 -10.36 20.16 1.40
N TYR A 246 -11.11 19.90 0.33
CA TYR A 246 -10.52 19.32 -0.87
C TYR A 246 -9.63 20.33 -1.58
N LYS A 247 -10.06 21.59 -1.61
CA LYS A 247 -9.23 22.60 -2.25
C LYS A 247 -7.91 22.73 -1.53
N ARG A 248 -7.96 22.77 -0.20
CA ARG A 248 -6.73 22.83 0.58
C ARG A 248 -5.82 21.63 0.26
N ALA A 249 -6.40 20.43 0.22
CA ALA A 249 -5.58 19.25 -0.10
C ALA A 249 -5.00 19.36 -1.50
N ALA A 250 -5.78 19.87 -2.45
CA ALA A 250 -5.28 19.98 -3.81
C ALA A 250 -4.13 20.98 -3.90
N ASP A 251 -4.29 22.15 -3.26
CA ASP A 251 -3.19 23.13 -3.25
C ASP A 251 -1.94 22.54 -2.59
N ALA A 252 -2.12 21.81 -1.49
CA ALA A 252 -0.96 21.23 -0.83
C ALA A 252 -0.32 20.14 -1.69
N THR A 253 -1.14 19.40 -2.44
CA THR A 253 -0.56 18.39 -3.30
C THR A 253 0.17 19.04 -4.46
N TRP A 254 -0.37 20.14 -5.01
CA TRP A 254 0.38 20.90 -6.00
C TRP A 254 1.72 21.35 -5.44
N ASP A 255 1.76 21.88 -4.20
CA ASP A 255 3.03 22.25 -3.61
C ASP A 255 3.99 21.08 -3.59
N ALA A 256 3.47 19.91 -3.22
CA ALA A 256 4.31 18.73 -3.11
C ALA A 256 4.83 18.30 -4.47
N ILE A 257 3.98 18.36 -5.50
CA ILE A 257 4.39 17.95 -6.82
C ILE A 257 5.48 18.87 -7.34
N GLN A 258 5.31 20.18 -7.14
CA GLN A 258 6.32 21.14 -7.59
C GLN A 258 7.64 20.93 -6.87
N ALA A 259 7.58 20.65 -5.56
CA ALA A 259 8.82 20.37 -4.84
C ALA A 259 9.47 19.10 -5.36
N ALA A 260 8.67 18.05 -5.60
CA ALA A 260 9.26 16.79 -6.06
C ALA A 260 9.87 16.93 -7.45
N SER A 261 9.15 17.59 -8.38
CA SER A 261 9.74 17.73 -9.71
C SER A 261 10.96 18.65 -9.67
N GLY A 262 10.91 19.68 -8.83
CA GLY A 262 12.08 20.54 -8.65
C GLY A 262 13.30 19.78 -8.14
N ALA A 263 13.08 18.71 -7.40
CA ALA A 263 14.16 17.94 -6.82
C ALA A 263 14.58 16.78 -7.71
N GLY A 264 13.98 16.63 -8.87
CA GLY A 264 14.40 15.60 -9.80
C GLY A 264 13.51 14.37 -9.89
N HIS A 265 12.41 14.32 -9.15
CA HIS A 265 11.56 13.14 -9.22
C HIS A 265 10.76 13.12 -10.51
N GLU A 266 10.46 11.91 -10.98
CA GLU A 266 9.71 11.70 -12.22
C GLU A 266 9.05 10.34 -12.12
N LEU A 267 8.09 10.09 -12.99
CA LEU A 267 7.52 8.75 -13.09
C LEU A 267 8.51 7.82 -13.78
N TYR A 268 8.64 6.63 -13.21
CA TYR A 268 9.59 5.65 -13.72
C TYR A 268 9.14 5.09 -15.07
N ILE A 269 10.09 5.01 -15.99
CA ILE A 269 9.92 4.32 -17.27
C ILE A 269 11.13 3.42 -17.46
N ALA A 270 10.89 2.17 -17.81
CA ALA A 270 11.99 1.21 -17.85
C ALA A 270 12.96 1.53 -18.98
N SER A 271 14.22 1.19 -18.74
CA SER A 271 15.23 1.31 -19.76
C SER A 271 14.99 0.29 -20.86
N THR A 272 15.33 0.71 -22.06
CA THR A 272 15.31 -0.17 -23.23
C THR A 272 16.63 -0.88 -23.43
N THR A 273 17.65 -0.56 -22.62
CA THR A 273 18.95 -1.19 -22.74
C THR A 273 19.06 -2.38 -21.81
N SER A 274 19.46 -3.51 -22.40
CA SER A 274 20.13 -4.63 -21.74
C SER A 274 20.59 -4.35 -20.32
N ASN A 275 20.29 -5.26 -19.39
CA ASN A 275 20.98 -5.27 -18.11
C ASN A 275 20.98 -6.69 -17.56
N ALA A 276 21.48 -6.85 -16.34
CA ALA A 276 21.61 -8.15 -15.70
C ALA A 276 20.27 -8.87 -15.49
N TYR A 277 19.14 -8.17 -15.68
CA TYR A 277 17.80 -8.73 -15.40
C TYR A 277 16.93 -8.57 -16.64
N PRO A 278 17.01 -9.50 -17.58
CA PRO A 278 16.32 -9.30 -18.86
C PRO A 278 14.82 -9.46 -18.80
N GLU A 279 14.31 -10.17 -17.81
CA GLU A 279 12.87 -10.37 -17.68
C GLU A 279 12.30 -9.45 -16.60
N PRO A 280 11.10 -8.90 -16.80
CA PRO A 280 10.26 -9.08 -17.98
C PRO A 280 10.76 -8.32 -19.20
N THR A 281 10.42 -8.86 -20.39
CA THR A 281 10.83 -8.29 -21.66
C THR A 281 9.84 -7.27 -22.23
N ASN A 282 8.54 -7.43 -21.98
CA ASN A 282 7.61 -6.44 -22.48
C ASN A 282 7.89 -5.12 -21.79
N LEU A 283 8.06 -4.06 -22.57
CA LEU A 283 8.62 -2.84 -21.98
C LEU A 283 7.62 -2.20 -21.01
N THR A 284 6.32 -2.21 -21.33
CA THR A 284 5.34 -1.62 -20.41
C THR A 284 5.20 -2.46 -19.14
N GLU A 285 5.12 -3.78 -19.28
CA GLU A 285 5.10 -4.65 -18.10
C GLU A 285 6.36 -4.44 -17.28
N ARG A 286 7.49 -4.26 -17.95
CA ARG A 286 8.72 -4.05 -17.21
C ARG A 286 8.71 -2.72 -16.46
N THR A 287 8.23 -1.67 -17.13
CA THR A 287 8.07 -0.38 -16.49
C THR A 287 7.26 -0.50 -15.22
N LEU A 288 6.15 -1.21 -15.29
CA LEU A 288 5.28 -1.30 -14.10
C LEU A 288 5.88 -2.21 -13.05
N ARG A 289 6.48 -3.32 -13.47
CA ARG A 289 7.12 -4.22 -12.52
C ARG A 289 8.24 -3.52 -11.77
N MSE A 290 9.01 -2.67 -12.47
CA MSE A 290 10.24 -2.20 -11.88
C MSE A 290 10.14 -0.75 -11.33
O MSE A 290 11.16 -0.15 -10.97
CB MSE A 290 11.39 -2.24 -12.91
CG MSE A 290 11.67 -3.64 -13.38
SE MSE A 290 12.12 -4.90 -12.06
CE MSE A 290 13.98 -4.16 -11.67
H MSE A 290 8.84 -2.37 -13.26
HA MSE A 290 10.44 -2.81 -11.14
HB2 MSE A 290 11.14 -1.70 -13.67
HB3 MSE A 290 12.19 -1.88 -12.49
HG2 MSE A 290 10.88 -3.97 -13.84
HG3 MSE A 290 12.41 -3.60 -14.00
HE1 MSE A 290 13.89 -3.24 -11.34
HE2 MSE A 290 14.40 -4.70 -10.99
HE3 MSE A 290 14.50 -4.17 -12.49
N THR A 291 8.92 -0.20 -11.24
CA THR A 291 8.69 1.19 -10.83
C THR A 291 9.53 1.63 -9.63
N PHE A 292 9.69 0.78 -8.64
CA PHE A 292 10.40 1.16 -7.42
C PHE A 292 11.48 0.16 -7.05
N MSE A 293 11.83 -0.77 -7.93
CA MSE A 293 12.80 -1.82 -7.60
C MSE A 293 14.05 -1.73 -8.47
O MSE A 293 14.90 -2.59 -8.36
CB MSE A 293 12.18 -3.20 -7.85
CG MSE A 293 11.14 -3.59 -6.79
SE MSE A 293 10.76 -5.47 -6.79
CE MSE A 293 9.87 -5.58 -8.48
H MSE A 293 11.52 -0.82 -8.73
HA MSE A 293 13.03 -1.70 -6.66
HB2 MSE A 293 11.74 -3.19 -8.71
HB3 MSE A 293 12.88 -3.86 -7.83
HG2 MSE A 293 11.47 -3.34 -5.91
HG3 MSE A 293 10.31 -3.12 -6.97
HE1 MSE A 293 10.49 -5.34 -9.19
HE2 MSE A 293 9.55 -6.48 -8.61
HE3 MSE A 293 9.11 -4.96 -8.48
N ASP A 294 14.13 -0.76 -9.37
CA ASP A 294 15.24 -0.64 -10.32
C ASP A 294 16.18 0.43 -9.79
N SER A 295 17.28 -0.01 -9.19
CA SER A 295 18.22 0.91 -8.56
C SER A 295 18.93 1.80 -9.58
N GLU A 296 18.87 1.49 -10.88
CA GLU A 296 19.34 2.44 -11.89
C GLU A 296 18.46 3.68 -11.97
N ASN A 297 17.23 3.62 -11.47
CA ASN A 297 16.35 4.79 -11.55
C ASN A 297 15.30 4.67 -10.44
N TYR A 298 15.63 5.21 -9.28
CA TYR A 298 14.69 5.31 -8.15
C TYR A 298 14.00 6.69 -8.08
N LYS A 299 14.02 7.45 -9.15
CA LYS A 299 13.55 8.83 -9.11
C LYS A 299 12.08 8.97 -8.81
N GLU A 300 11.28 7.92 -8.98
CA GLU A 300 9.88 8.06 -8.62
C GLU A 300 9.70 8.03 -7.11
N VAL A 301 10.62 7.40 -6.39
CA VAL A 301 10.46 7.17 -4.95
C VAL A 301 10.82 8.46 -4.22
N ILE A 302 9.87 8.98 -3.47
CA ILE A 302 10.05 10.19 -2.68
C ILE A 302 10.44 9.86 -1.24
N PHE A 303 9.81 8.86 -0.64
CA PHE A 303 10.03 8.47 0.75
C PHE A 303 10.32 6.98 0.73
N PRO A 304 11.59 6.60 0.89
CA PRO A 304 11.95 5.19 0.96
C PRO A 304 12.06 4.67 2.38
N GLU A 305 11.54 3.46 2.55
CA GLU A 305 11.75 2.69 3.76
C GLU A 305 12.93 1.77 3.46
N THR A 306 14.09 2.11 4.05
CA THR A 306 15.32 1.40 3.75
C THR A 306 15.66 0.28 4.72
N ARG A 307 14.93 0.12 5.82
CA ARG A 307 15.10 -1.08 6.62
C ARG A 307 14.77 -2.32 5.79
N LYS A 308 15.51 -3.40 6.02
CA LYS A 308 15.42 -4.58 5.18
C LYS A 308 14.17 -5.35 5.53
N ALA A 309 13.41 -5.72 4.50
CA ALA A 309 12.25 -6.57 4.68
C ALA A 309 12.65 -7.98 5.08
N GLY A 310 13.77 -8.48 4.58
CA GLY A 310 14.26 -9.76 5.00
C GLY A 310 13.55 -10.92 4.33
N ALA A 311 13.88 -12.12 4.81
CA ALA A 311 13.39 -13.34 4.16
C ALA A 311 11.86 -13.42 4.16
N TYR A 312 11.22 -12.90 5.20
CA TYR A 312 9.78 -13.06 5.39
C TYR A 312 8.97 -11.91 4.78
N GLY A 313 9.58 -11.14 3.90
CA GLY A 313 8.89 -10.07 3.23
C GLY A 313 8.14 -10.58 2.01
N ILE A 314 7.77 -9.64 1.16
CA ILE A 314 6.86 -9.96 0.07
C ILE A 314 7.48 -10.88 -0.95
N GLN A 315 8.80 -10.88 -1.09
CA GLN A 315 9.38 -11.54 -2.25
C GLN A 315 9.28 -13.06 -2.13
N ARG A 316 9.88 -13.63 -1.09
CA ARG A 316 9.88 -15.08 -0.98
C ARG A 316 8.50 -15.63 -0.67
N LYS A 317 7.62 -14.81 -0.13
CA LYS A 317 6.26 -15.23 0.13
C LYS A 317 5.39 -15.25 -1.13
N SER A 318 5.85 -14.65 -2.22
CA SER A 318 5.08 -14.61 -3.46
C SER A 318 5.54 -15.58 -4.54
N ILE A 319 6.78 -16.11 -4.48
CA ILE A 319 7.31 -16.80 -5.66
C ILE A 319 6.93 -18.27 -5.74
N PRO A 320 7.09 -18.89 -6.91
CA PRO A 320 6.67 -20.29 -7.05
C PRO A 320 7.37 -21.22 -6.08
N PHE A 321 6.64 -22.27 -5.71
CA PHE A 321 6.98 -23.15 -4.59
C PHE A 321 8.34 -23.83 -4.73
N PHE A 322 9.13 -23.73 -3.66
CA PHE A 322 10.39 -24.42 -3.43
C PHE A 322 10.76 -24.15 -1.96
N PRO A 323 10.23 -24.92 -1.02
CA PRO A 323 10.56 -24.70 0.39
C PRO A 323 12.02 -25.07 0.66
N ARG A 324 12.68 -24.37 1.57
CA ARG A 324 12.11 -23.39 2.51
C ARG A 324 12.35 -21.90 2.21
N GLY A 325 12.63 -21.57 0.96
CA GLY A 325 12.92 -20.19 0.59
C GLY A 325 12.00 -19.59 -0.47
N SER A 326 10.87 -20.25 -0.74
CA SER A 326 10.06 -19.95 -1.92
C SER A 326 8.67 -20.48 -1.57
N TRP A 327 7.71 -19.61 -1.25
CA TRP A 327 6.54 -20.06 -0.49
C TRP A 327 5.17 -19.94 -1.16
N ASN A 328 5.09 -19.39 -2.37
CA ASN A 328 3.96 -19.65 -3.22
C ASN A 328 2.67 -19.27 -2.49
N GLY A 329 2.69 -18.15 -1.76
CA GLY A 329 1.61 -17.85 -0.83
C GLY A 329 0.80 -16.56 -0.96
N ILE A 330 1.39 -15.46 -1.40
CA ILE A 330 0.64 -14.20 -1.45
C ILE A 330 -0.19 -14.21 -2.73
N ALA A 331 -1.51 -14.33 -2.57
CA ALA A 331 -2.42 -14.63 -3.66
C ALA A 331 -3.45 -13.53 -3.84
N PRO A 332 -3.45 -12.84 -4.97
CA PRO A 332 -4.54 -11.89 -5.27
C PRO A 332 -5.90 -12.54 -5.19
N THR A 333 -6.86 -11.82 -4.62
CA THR A 333 -8.24 -12.24 -4.47
C THR A 333 -9.05 -11.90 -5.71
N ILE A 334 -10.21 -12.54 -5.84
CA ILE A 334 -11.06 -12.24 -6.99
C ILE A 334 -11.47 -10.77 -6.96
N THR A 335 -11.76 -10.25 -5.77
CA THR A 335 -12.17 -8.86 -5.71
C THR A 335 -11.09 -7.96 -6.26
N MSE A 336 -9.85 -8.22 -5.92
CA MSE A 336 -8.72 -7.43 -6.39
C MSE A 336 -8.54 -7.59 -7.90
O MSE A 336 -8.33 -6.60 -8.60
CB MSE A 336 -7.46 -7.80 -5.65
CG MSE A 336 -6.25 -7.03 -6.09
SE MSE A 336 -6.41 -5.12 -5.63
CE MSE A 336 -6.00 -4.39 -7.44
H MSE A 336 -9.62 -8.88 -5.40
HA MSE A 336 -8.90 -6.49 -6.21
HB2 MSE A 336 -7.59 -7.63 -4.70
HB3 MSE A 336 -7.27 -8.74 -5.79
HG2 MSE A 336 -5.46 -7.37 -5.66
HG3 MSE A 336 -6.16 -7.09 -7.05
HE1 MSE A 336 -6.68 -4.69 -8.06
HE2 MSE A 336 -5.99 -3.42 -7.39
HE3 MSE A 336 -5.13 -4.71 -7.72
N LEU A 337 -8.60 -8.83 -8.39
CA LEU A 337 -8.41 -9.07 -9.83
C LEU A 337 -9.46 -8.33 -10.66
N ASP A 338 -10.68 -8.24 -10.15
CA ASP A 338 -11.76 -7.56 -10.84
C ASP A 338 -11.58 -6.06 -10.87
N ARG A 339 -10.64 -5.51 -10.08
CA ARG A 339 -10.36 -4.09 -10.11
C ARG A 339 -9.48 -3.71 -11.29
N PHE A 340 -8.66 -4.62 -11.79
CA PHE A 340 -7.82 -4.25 -12.91
C PHE A 340 -8.69 -3.98 -14.15
N TYR A 341 -8.17 -3.12 -15.00
CA TYR A 341 -8.85 -2.75 -16.23
C TYR A 341 -8.69 -3.83 -17.30
N THR A 342 -9.47 -3.65 -18.36
CA THR A 342 -9.21 -4.33 -19.61
C THR A 342 -8.04 -3.64 -20.31
N VAL A 343 -7.65 -4.19 -21.46
CA VAL A 343 -6.66 -3.59 -22.31
C VAL A 343 -7.06 -2.19 -22.78
N ASN A 344 -8.34 -1.88 -22.77
CA ASN A 344 -8.84 -0.57 -23.15
C ASN A 344 -8.84 0.44 -22.00
N GLY A 345 -8.29 0.08 -20.85
CA GLY A 345 -8.23 1.05 -19.78
C GLY A 345 -9.57 1.31 -19.15
N LEU A 346 -10.47 0.36 -19.25
CA LEU A 346 -11.81 0.48 -18.66
C LEU A 346 -12.08 -0.61 -17.64
N PRO A 347 -12.96 -0.36 -16.68
CA PRO A 347 -13.43 -1.42 -15.81
C PRO A 347 -14.08 -2.53 -16.60
N ILE A 348 -13.93 -3.76 -16.11
CA ILE A 348 -14.41 -4.89 -16.88
C ILE A 348 -15.93 -4.81 -17.06
N ASP A 349 -16.65 -4.20 -16.12
CA ASP A 349 -18.11 -4.11 -16.24
C ASP A 349 -18.55 -2.88 -17.02
N GLU A 350 -17.61 -2.11 -17.56
CA GLU A 350 -17.93 -0.94 -18.37
C GLU A 350 -17.39 -1.05 -19.79
N ASP A 351 -16.61 -2.05 -20.08
CA ASP A 351 -16.02 -2.21 -21.40
C ASP A 351 -16.91 -3.13 -22.23
N PRO A 352 -17.55 -2.63 -23.27
CA PRO A 352 -18.44 -3.51 -24.07
C PRO A 352 -17.71 -4.68 -24.69
N GLU A 353 -16.40 -4.57 -24.89
CA GLU A 353 -15.62 -5.63 -25.52
C GLU A 353 -15.16 -6.70 -24.55
N PHE A 354 -15.51 -6.58 -23.27
CA PHE A 354 -15.24 -7.61 -22.27
C PHE A 354 -16.58 -8.11 -21.73
N ASN A 355 -16.84 -9.40 -21.85
CA ASN A 355 -18.11 -9.97 -21.41
C ASN A 355 -17.93 -10.58 -20.01
N THR A 356 -18.41 -9.87 -18.99
CA THR A 356 -18.22 -10.37 -17.63
C THR A 356 -18.93 -11.71 -17.41
N ASN A 357 -19.96 -12.02 -18.22
CA ASN A 357 -20.59 -13.33 -18.10
C ASN A 357 -19.65 -14.45 -18.43
N ASN A 358 -18.57 -14.15 -19.15
CA ASN A 358 -17.67 -15.18 -19.67
C ASN A 358 -16.36 -15.28 -18.89
N LYS A 359 -16.25 -14.60 -17.74
CA LYS A 359 -14.99 -14.55 -17.01
C LYS A 359 -14.41 -15.93 -16.76
N LEU A 360 -15.25 -16.91 -16.45
CA LEU A 360 -14.75 -18.23 -16.11
C LEU A 360 -14.72 -19.17 -17.31
N ASP A 361 -15.08 -18.70 -18.49
CA ASP A 361 -14.96 -19.54 -19.67
C ASP A 361 -13.50 -19.97 -19.87
N ILE A 362 -13.30 -21.21 -20.33
CA ILE A 362 -11.96 -21.67 -20.68
C ILE A 362 -11.68 -21.31 -22.13
N VAL A 363 -10.50 -20.72 -22.37
CA VAL A 363 -10.15 -20.27 -23.71
C VAL A 363 -8.76 -20.77 -24.05
N THR A 364 -8.50 -20.92 -25.35
CA THR A 364 -7.19 -21.30 -25.83
C THR A 364 -6.36 -20.04 -26.08
N ILE A 365 -5.15 -20.03 -25.55
CA ILE A 365 -4.25 -18.88 -25.71
C ILE A 365 -3.73 -18.86 -27.14
N PRO A 366 -3.96 -17.80 -27.91
CA PRO A 366 -3.63 -17.86 -29.34
C PRO A 366 -2.15 -17.67 -29.60
N GLU A 367 -1.76 -18.04 -30.81
CA GLU A 367 -0.41 -17.75 -31.27
C GLU A 367 -0.11 -16.27 -31.13
N GLY A 368 1.13 -15.95 -30.76
CA GLY A 368 1.57 -14.58 -30.66
C GLY A 368 1.31 -13.90 -29.32
N THR A 369 0.55 -14.54 -28.43
CA THR A 369 0.32 -13.98 -27.10
C THR A 369 1.65 -13.91 -26.34
N THR A 370 1.94 -12.72 -25.77
CA THR A 370 3.22 -12.50 -25.12
C THR A 370 3.16 -12.69 -23.61
N TYR A 371 1.98 -12.65 -23.00
CA TYR A 371 1.86 -12.73 -21.55
C TYR A 371 1.34 -14.08 -21.07
N ALA A 372 1.16 -15.02 -22.00
CA ALA A 372 0.66 -16.33 -21.66
C ALA A 372 1.11 -17.26 -22.78
N GLU A 373 1.11 -18.55 -22.49
CA GLU A 373 1.70 -19.55 -23.39
C GLU A 373 0.76 -19.94 -24.52
N PRO A 374 1.11 -19.63 -25.77
CA PRO A 374 0.27 -20.05 -26.89
C PRO A 374 0.01 -21.55 -26.87
N GLY A 375 -1.23 -21.93 -27.16
CA GLY A 375 -1.62 -23.32 -27.23
C GLY A 375 -2.08 -23.94 -25.93
N LYS A 376 -1.68 -23.39 -24.79
CA LYS A 376 -2.26 -23.77 -23.52
C LYS A 376 -3.64 -23.12 -23.37
N ARG A 377 -4.31 -23.45 -22.27
CA ARG A 377 -5.61 -22.86 -21.96
C ARG A 377 -5.52 -22.05 -20.67
N THR A 378 -6.42 -21.08 -20.56
CA THR A 378 -6.56 -20.27 -19.35
C THR A 378 -7.98 -19.75 -19.27
N LEU A 379 -8.29 -18.99 -18.23
CA LEU A 379 -9.62 -18.43 -18.13
C LEU A 379 -9.72 -17.12 -18.92
N TYR A 380 -10.91 -16.88 -19.45
CA TYR A 380 -11.18 -15.68 -20.23
C TYR A 380 -10.76 -14.42 -19.47
N MSE A 381 -10.97 -14.36 -18.16
CA MSE A 381 -10.79 -13.13 -17.39
C MSE A 381 -9.31 -12.86 -17.24
O MSE A 381 -8.93 -11.74 -16.88
CB MSE A 381 -11.52 -13.36 -16.06
CG MSE A 381 -10.85 -14.26 -15.10
SE MSE A 381 -11.77 -13.99 -13.37
CE MSE A 381 -11.01 -15.45 -12.41
H MSE A 381 -11.25 -15.03 -17.69
HA MSE A 381 -11.16 -12.34 -17.80
HB2 MSE A 381 -11.64 -12.50 -15.62
HB3 MSE A 381 -12.40 -13.75 -16.25
HG2 MSE A 381 -10.93 -15.18 -15.38
HG3 MSE A 381 -9.91 -14.03 -15.02
HE1 MSE A 381 -10.05 -15.32 -12.34
HE2 MSE A 381 -11.41 -15.48 -11.52
HE3 MSE A 381 -11.21 -16.27 -12.89
N ASN A 382 -8.44 -13.83 -17.57
CA ASN A 382 -7.01 -13.57 -17.58
C ASN A 382 -6.50 -13.02 -18.88
N MSE A 383 -7.34 -12.97 -19.91
CA MSE A 383 -6.89 -12.43 -21.16
C MSE A 383 -7.32 -11.00 -21.44
O MSE A 383 -8.37 -10.57 -21.02
CB MSE A 383 -7.40 -13.24 -22.35
CG MSE A 383 -7.14 -14.75 -22.42
SE MSE A 383 -5.27 -15.09 -22.76
CE MSE A 383 -4.87 -14.18 -24.43
H MSE A 383 -8.15 -13.26 -19.90
HA MSE A 383 -5.92 -12.46 -21.09
HB2 MSE A 383 -8.37 -13.14 -22.37
HB3 MSE A 383 -7.02 -12.86 -23.15
HG2 MSE A 383 -7.37 -15.14 -21.56
HG3 MSE A 383 -7.66 -15.14 -23.13
HE1 MSE A 383 -4.95 -13.22 -24.30
HE2 MSE A 383 -3.96 -14.39 -24.70
HE3 MSE A 383 -5.49 -14.47 -25.13
N ASN A 384 -6.50 -10.28 -22.20
CA ASN A 384 -6.88 -8.97 -22.67
C ASN A 384 -7.12 -7.99 -21.54
N ARG A 385 -6.35 -8.12 -20.48
CA ARG A 385 -6.34 -7.16 -19.40
C ARG A 385 -5.26 -6.10 -19.61
N GLU A 386 -5.26 -5.08 -18.73
CA GLU A 386 -4.29 -4.00 -18.84
C GLU A 386 -2.89 -4.50 -18.46
N PRO A 387 -1.85 -3.79 -18.94
CA PRO A 387 -0.48 -4.18 -18.58
C PRO A 387 -0.24 -4.32 -17.08
N ARG A 388 -0.86 -3.48 -16.24
CA ARG A 388 -0.61 -3.62 -14.80
C ARG A 388 -1.02 -5.02 -14.27
N PHE A 389 -2.07 -5.63 -14.83
CA PHE A 389 -2.48 -7.00 -14.50
C PHE A 389 -1.33 -7.97 -14.77
N TYR A 390 -0.76 -7.94 -15.98
CA TYR A 390 0.31 -8.91 -16.29
C TYR A 390 1.59 -8.57 -15.56
N ALA A 391 1.82 -7.27 -15.30
CA ALA A 391 3.01 -6.89 -14.56
C ALA A 391 3.00 -7.46 -13.16
N TRP A 392 1.83 -7.57 -12.54
CA TRP A 392 1.76 -7.76 -11.10
C TRP A 392 1.02 -9.02 -10.67
N VAL A 393 0.43 -9.77 -11.59
CA VAL A 393 -0.36 -10.95 -11.28
C VAL A 393 0.20 -12.16 -12.05
N ALA A 394 0.46 -13.24 -11.34
CA ALA A 394 0.71 -14.56 -11.92
C ALA A 394 -0.56 -15.38 -11.93
N PHE A 395 -0.78 -16.09 -13.04
CA PHE A 395 -2.07 -16.74 -13.27
C PHE A 395 -1.86 -18.00 -14.12
N GLU A 396 -2.95 -18.74 -14.33
CA GLU A 396 -2.90 -20.01 -15.04
C GLU A 396 -2.32 -19.86 -16.44
N ASN A 397 -1.11 -20.42 -16.61
CA ASN A 397 -0.36 -20.44 -17.87
C ASN A 397 0.10 -19.07 -18.32
N GLY A 398 0.19 -18.11 -17.39
CA GLY A 398 1.02 -16.95 -17.56
C GLY A 398 2.42 -17.24 -17.04
N TYR A 399 3.25 -16.20 -17.01
CA TYR A 399 4.63 -16.36 -16.61
C TYR A 399 4.95 -15.66 -15.31
N TYR A 400 5.93 -16.20 -14.61
CA TYR A 400 6.50 -15.60 -13.41
C TYR A 400 7.97 -15.34 -13.64
N GLU A 401 8.36 -14.06 -13.67
CA GLU A 401 9.76 -13.69 -13.88
C GLU A 401 10.47 -13.79 -12.55
N CYS A 402 11.27 -14.84 -12.40
CA CYS A 402 12.03 -15.11 -11.18
C CYS A 402 13.04 -16.19 -11.54
N ARG A 403 13.90 -16.53 -10.58
CA ARG A 403 14.95 -17.51 -10.78
C ARG A 403 14.98 -18.55 -9.66
N THR A 404 15.83 -19.56 -9.86
CA THR A 404 16.08 -20.56 -8.84
C THR A 404 17.56 -20.94 -8.82
N ASP A 405 18.05 -21.37 -7.66
CA ASP A 405 19.39 -21.93 -7.54
C ASP A 405 19.41 -23.45 -7.68
N ASP A 406 18.26 -24.07 -7.96
CA ASP A 406 18.17 -25.52 -8.09
C ASP A 406 16.84 -25.87 -8.72
N LYS A 407 16.84 -26.76 -9.72
CA LYS A 407 15.64 -27.08 -10.47
C LYS A 407 14.89 -28.16 -9.69
N ARG A 408 14.22 -27.69 -8.64
CA ARG A 408 13.39 -28.50 -7.76
C ARG A 408 12.02 -27.88 -7.64
N TYR A 409 11.08 -28.65 -7.12
CA TYR A 409 9.71 -28.17 -6.82
C TYR A 409 9.14 -27.51 -8.08
N ALA A 410 8.64 -26.27 -8.00
CA ALA A 410 7.98 -25.69 -9.16
C ALA A 410 8.94 -25.49 -10.34
N TYR A 411 10.24 -25.48 -10.06
CA TYR A 411 11.30 -25.27 -11.04
C TYR A 411 11.84 -26.57 -11.60
N HIS A 412 11.25 -27.70 -11.22
CA HIS A 412 11.75 -29.01 -11.60
C HIS A 412 11.51 -29.27 -13.10
N LYS A 413 12.50 -29.91 -13.74
CA LYS A 413 12.33 -30.26 -15.15
C LYS A 413 11.04 -31.04 -15.39
N PHE A 414 10.55 -31.78 -14.38
CA PHE A 414 9.37 -32.60 -14.59
C PHE A 414 8.22 -31.81 -15.17
N TRP A 415 8.03 -30.57 -14.67
CA TRP A 415 6.91 -29.73 -15.09
C TRP A 415 7.14 -29.08 -16.44
N GLY A 416 8.40 -28.88 -16.82
CA GLY A 416 8.70 -28.25 -18.09
C GLY A 416 8.32 -26.80 -18.14
N ALA A 417 8.38 -26.11 -17.02
CA ALA A 417 7.92 -24.74 -16.95
C ALA A 417 9.00 -23.72 -17.23
N GLU A 418 10.26 -24.17 -17.37
CA GLU A 418 11.38 -23.24 -17.54
C GLU A 418 11.28 -22.52 -18.86
N ARG A 419 11.52 -21.21 -18.82
CA ARG A 419 11.52 -20.38 -20.01
C ARG A 419 12.67 -19.38 -19.86
N SER A 420 13.01 -18.71 -20.98
CA SER A 420 13.99 -17.63 -20.95
C SER A 420 15.25 -18.01 -20.17
N GLU A 421 15.73 -19.23 -20.40
CA GLU A 421 16.99 -19.72 -19.84
C GLU A 421 16.99 -19.66 -18.32
N GLY A 422 15.81 -19.82 -17.72
CA GLY A 422 15.68 -19.85 -16.29
C GLY A 422 15.23 -18.55 -15.66
N ASP A 423 14.91 -17.52 -16.47
CA ASP A 423 14.56 -16.22 -15.94
C ASP A 423 13.06 -16.00 -15.81
N LYS A 424 12.23 -16.87 -16.40
CA LYS A 424 10.79 -16.83 -16.16
C LYS A 424 10.23 -18.25 -16.31
N TRP A 425 9.05 -18.47 -15.74
CA TRP A 425 8.54 -19.80 -15.45
C TRP A 425 7.05 -19.82 -15.72
N LEU A 426 6.58 -20.89 -16.36
CA LEU A 426 5.16 -21.07 -16.64
C LEU A 426 4.47 -21.52 -15.35
N THR A 427 3.45 -20.75 -14.91
CA THR A 427 2.76 -21.01 -13.65
C THR A 427 1.45 -21.74 -13.91
N GLY A 428 1.34 -22.95 -13.38
CA GLY A 428 0.10 -23.69 -13.40
C GLY A 428 -0.42 -23.81 -11.98
N PHE A 429 -1.72 -23.62 -11.82
CA PHE A 429 -2.30 -23.59 -10.48
C PHE A 429 -3.32 -24.68 -10.25
N LEU A 430 -3.59 -25.54 -11.23
CA LEU A 430 -4.35 -26.73 -10.89
C LEU A 430 -3.64 -27.48 -9.77
N ALA A 431 -4.41 -28.28 -9.01
CA ALA A 431 -3.78 -28.95 -7.87
C ALA A 431 -2.58 -29.77 -8.29
N THR A 432 -2.60 -30.28 -9.53
CA THR A 432 -1.58 -31.18 -10.04
C THR A 432 -0.56 -30.48 -10.92
N GLU A 433 -0.52 -29.15 -10.91
CA GLU A 433 0.46 -28.35 -11.64
C GLU A 433 1.43 -27.73 -10.67
N ASN A 434 2.51 -27.14 -11.22
CA ASN A 434 3.69 -26.87 -10.42
C ASN A 434 3.46 -25.89 -9.26
N CYS A 435 2.55 -24.92 -9.40
CA CYS A 435 2.28 -23.96 -8.33
C CYS A 435 1.01 -24.32 -7.55
N GLY A 436 0.50 -25.52 -7.75
CA GLY A 436 -0.74 -25.95 -7.14
C GLY A 436 -0.51 -26.83 -5.93
N VAL A 437 -1.63 -27.16 -5.26
CA VAL A 437 -1.58 -27.60 -3.87
C VAL A 437 -1.11 -29.04 -3.70
N ARG A 438 -1.19 -29.89 -4.73
CA ARG A 438 -0.70 -31.27 -4.63
C ARG A 438 0.68 -31.44 -5.27
N ALA A 439 1.31 -30.36 -5.70
CA ALA A 439 2.64 -30.44 -6.30
C ALA A 439 3.73 -30.47 -5.24
N ASP A 440 4.81 -31.17 -5.55
CA ASP A 440 5.95 -31.29 -4.65
C ASP A 440 7.22 -31.26 -5.51
N ASP A 441 8.27 -31.97 -5.11
CA ASP A 441 9.57 -31.86 -5.79
C ASP A 441 9.62 -32.73 -7.04
N GLY A 442 9.15 -32.17 -8.14
CA GLY A 442 9.13 -32.91 -9.39
C GLY A 442 8.06 -33.98 -9.49
N LYS A 443 7.07 -33.94 -8.62
CA LYS A 443 6.09 -35.01 -8.51
C LYS A 443 4.84 -34.46 -7.84
N ILE A 444 3.74 -35.14 -8.06
CA ILE A 444 2.46 -34.92 -7.40
C ILE A 444 2.42 -35.80 -6.15
N VAL A 445 1.78 -35.33 -5.09
CA VAL A 445 1.55 -36.12 -3.88
C VAL A 445 0.05 -36.22 -3.63
N THR A 446 -0.32 -37.21 -2.82
CA THR A 446 -1.73 -37.47 -2.55
C THR A 446 -2.41 -36.27 -1.87
N ALA A 447 -1.84 -35.78 -0.77
CA ALA A 447 -2.53 -34.76 0.01
C ALA A 447 -2.26 -33.37 -0.54
N ALA A 448 -3.29 -32.53 -0.51
CA ALA A 448 -3.09 -31.09 -0.71
C ALA A 448 -2.38 -30.51 0.50
N ARG A 449 -1.37 -29.69 0.27
CA ARG A 449 -0.65 -29.16 1.41
C ARG A 449 -1.45 -28.02 2.02
N SER A 450 -1.14 -27.72 3.27
CA SER A 450 -1.87 -26.75 4.07
C SER A 450 -1.01 -25.54 4.39
N GLN A 451 0.16 -25.44 3.75
CA GLN A 451 1.12 -24.38 4.01
C GLN A 451 1.70 -23.97 2.66
N ASN A 452 2.15 -22.72 2.55
CA ASN A 452 2.95 -22.31 1.38
C ASN A 452 2.23 -22.61 0.05
N TYR A 453 0.98 -22.16 -0.05
CA TYR A 453 0.19 -22.37 -1.25
C TYR A 453 -0.70 -21.16 -1.52
N SER A 454 -1.24 -21.15 -2.73
CA SER A 454 -2.11 -20.08 -3.20
C SER A 454 -3.55 -20.46 -2.89
N LYS A 455 -4.17 -19.68 -2.00
CA LYS A 455 -5.55 -19.88 -1.67
C LYS A 455 -6.49 -19.53 -2.82
N THR A 456 -6.05 -18.76 -3.80
CA THR A 456 -6.93 -18.28 -4.85
C THR A 456 -6.65 -18.84 -6.23
N GLY A 457 -5.49 -19.43 -6.46
CA GLY A 457 -5.17 -19.84 -7.80
C GLY A 457 -4.35 -18.83 -8.56
N TYR A 458 -3.92 -17.75 -7.89
CA TYR A 458 -3.09 -16.69 -8.45
C TYR A 458 -1.96 -16.42 -7.47
N LEU A 459 -0.94 -15.74 -7.95
CA LEU A 459 0.12 -15.25 -7.08
C LEU A 459 0.45 -13.80 -7.43
N ASN A 460 0.99 -13.13 -6.44
CA ASN A 460 1.44 -11.76 -6.57
C ASN A 460 2.81 -11.74 -7.23
N LYS A 461 3.06 -10.71 -8.06
CA LYS A 461 4.41 -10.43 -8.54
C LYS A 461 4.88 -9.03 -8.20
N LYS A 462 4.01 -8.18 -7.67
CA LYS A 462 4.44 -6.82 -7.37
C LYS A 462 5.44 -6.87 -6.22
N GLY A 463 6.52 -6.12 -6.35
CA GLY A 463 7.49 -6.07 -5.27
C GLY A 463 8.41 -7.26 -5.22
N VAL A 464 8.36 -8.13 -6.21
CA VAL A 464 9.17 -9.33 -6.32
C VAL A 464 10.19 -9.00 -7.39
N HIS A 465 11.42 -8.77 -6.98
CA HIS A 465 12.45 -8.52 -7.96
C HIS A 465 12.69 -9.75 -8.86
N PRO A 466 12.74 -9.59 -10.19
CA PRO A 466 12.90 -10.78 -11.06
C PRO A 466 14.21 -11.53 -10.84
N GLY A 467 15.16 -10.94 -10.14
CA GLY A 467 16.39 -11.63 -9.80
C GLY A 467 16.31 -12.51 -8.59
N ILE A 468 15.16 -12.56 -7.92
CA ILE A 468 15.03 -13.40 -6.74
C ILE A 468 15.32 -14.84 -7.11
N GLN A 469 16.06 -15.53 -6.26
CA GLN A 469 16.37 -16.95 -6.48
C GLN A 469 15.63 -17.81 -5.45
N ALA A 470 14.67 -18.59 -5.91
CA ALA A 470 14.15 -19.69 -5.13
C ALA A 470 15.31 -20.57 -4.63
N THR A 471 15.11 -21.20 -3.48
CA THR A 471 16.19 -21.91 -2.83
C THR A 471 15.63 -22.75 -1.70
N VAL A 472 16.43 -23.72 -1.25
CA VAL A 472 15.97 -24.60 -0.19
C VAL A 472 16.20 -23.98 1.18
N GLY A 473 17.14 -23.03 1.29
CA GLY A 473 17.40 -22.31 2.52
C GLY A 473 16.37 -21.21 2.75
N THR A 474 16.61 -20.40 3.79
CA THR A 474 15.79 -19.24 4.09
C THR A 474 16.67 -18.02 4.34
N PRO A 475 17.47 -17.65 3.35
CA PRO A 475 18.18 -16.37 3.39
C PRO A 475 17.27 -15.21 2.98
N GLY A 476 17.79 -14.00 3.15
CA GLY A 476 17.18 -12.82 2.60
C GLY A 476 16.95 -12.94 1.10
N PRO A 477 16.07 -12.09 0.57
CA PRO A 477 15.89 -12.06 -0.88
C PRO A 477 17.18 -11.68 -1.57
N THR A 478 17.36 -12.22 -2.78
CA THR A 478 18.59 -12.05 -3.54
C THR A 478 18.91 -10.58 -3.74
N VAL A 479 17.92 -9.79 -4.15
CA VAL A 479 18.05 -8.37 -4.38
C VAL A 479 17.05 -7.63 -3.49
N GLU A 480 17.56 -6.86 -2.52
CA GLU A 480 16.75 -5.99 -1.69
C GLU A 480 16.59 -4.62 -2.38
N TYR A 481 15.58 -3.88 -1.94
CA TYR A 481 15.28 -2.56 -2.46
C TYR A 481 14.43 -1.86 -1.41
N PRO A 482 14.49 -0.54 -1.33
CA PRO A 482 13.64 0.17 -0.35
C PRO A 482 12.17 0.14 -0.75
N TRP A 483 11.34 0.02 0.25
CA TRP A 483 9.92 0.03 0.01
C TRP A 483 9.41 1.47 -0.17
N PRO A 484 8.51 1.69 -1.15
CA PRO A 484 8.07 3.07 -1.44
C PRO A 484 6.98 3.53 -0.47
N VAL A 485 7.39 4.26 0.56
CA VAL A 485 6.41 4.84 1.46
C VAL A 485 5.63 5.91 0.72
N ILE A 486 6.32 6.72 -0.09
CA ILE A 486 5.68 7.69 -0.98
C ILE A 486 6.40 7.61 -2.32
N ARG A 487 5.62 7.55 -3.40
CA ARG A 487 6.20 7.70 -4.72
C ARG A 487 5.34 8.66 -5.53
N LEU A 488 5.95 9.19 -6.60
CA LEU A 488 5.34 10.34 -7.26
C LEU A 488 3.97 10.00 -7.85
N ALA A 489 3.73 8.78 -8.31
CA ALA A 489 2.40 8.52 -8.85
C ALA A 489 1.32 8.73 -7.81
N GLU A 490 1.65 8.49 -6.54
CA GLU A 490 0.65 8.74 -5.51
C GLU A 490 0.31 10.20 -5.41
N LEU A 491 1.32 11.07 -5.53
CA LEU A 491 1.03 12.50 -5.54
C LEU A 491 0.10 12.85 -6.70
N TYR A 492 0.35 12.28 -7.87
CA TYR A 492 -0.50 12.56 -9.03
C TYR A 492 -1.93 12.13 -8.75
N LEU A 493 -2.12 10.94 -8.19
CA LEU A 493 -3.48 10.49 -7.88
C LEU A 493 -4.12 11.26 -6.75
N ASN A 494 -3.32 11.69 -5.77
CA ASN A 494 -3.85 12.52 -4.68
C ASN A 494 -4.37 13.83 -5.24
N TYR A 495 -3.61 14.43 -6.15
CA TYR A 495 -3.99 15.69 -6.76
C TYR A 495 -5.29 15.55 -7.52
N ALA A 496 -5.39 14.48 -8.32
CA ALA A 496 -6.59 14.22 -9.06
C ALA A 496 -7.79 14.08 -8.12
N GLU A 497 -7.62 13.29 -7.06
CA GLU A 497 -8.71 13.05 -6.13
C GLU A 497 -9.16 14.36 -5.47
N ALA A 498 -8.20 15.15 -4.97
CA ALA A 498 -8.54 16.40 -4.30
C ALA A 498 -9.19 17.37 -5.28
N CYS A 499 -8.68 17.43 -6.52
CA CYS A 499 -9.21 18.37 -7.50
C CYS A 499 -10.63 18.03 -7.89
N VAL A 500 -10.88 16.73 -8.11
CA VAL A 500 -12.22 16.25 -8.41
C VAL A 500 -13.14 16.43 -7.21
N GLY A 501 -12.66 16.12 -6.01
CA GLY A 501 -13.52 16.32 -4.84
C GLY A 501 -13.96 17.76 -4.71
N TYR A 502 -13.05 18.69 -4.94
CA TYR A 502 -13.40 20.10 -4.89
C TYR A 502 -14.41 20.43 -5.99
N GLY A 503 -14.08 20.06 -7.21
CA GLY A 503 -15.02 20.08 -8.30
C GLY A 503 -15.22 21.44 -8.96
N LYS A 504 -14.46 22.46 -8.57
CA LYS A 504 -14.73 23.83 -8.97
C LYS A 504 -13.45 24.57 -9.37
N GLU A 505 -13.64 25.78 -9.88
CA GLU A 505 -12.55 26.73 -10.15
C GLU A 505 -11.52 26.14 -11.12
N GLY A 506 -11.93 25.26 -12.02
CA GLY A 506 -10.99 24.68 -12.95
C GLY A 506 -10.07 23.63 -12.35
N TYR A 507 -10.28 23.22 -11.11
CA TYR A 507 -9.37 22.25 -10.50
C TYR A 507 -9.47 20.87 -11.17
N PRO A 508 -10.68 20.35 -11.45
CA PRO A 508 -10.75 18.98 -12.00
C PRO A 508 -9.86 18.76 -13.22
N GLU A 509 -9.87 19.71 -14.16
CA GLU A 509 -9.06 19.56 -15.36
C GLU A 509 -7.57 19.49 -15.03
N LYS A 510 -7.11 20.26 -14.04
CA LYS A 510 -5.70 20.23 -13.70
C LYS A 510 -5.33 18.88 -13.06
N GLY A 511 -6.15 18.43 -12.12
CA GLY A 511 -5.82 17.19 -11.42
C GLY A 511 -5.92 15.97 -12.32
N MSE A 512 -6.93 15.93 -13.19
CA MSE A 512 -7.14 14.82 -14.06
C MSE A 512 -6.07 14.68 -15.09
O MSE A 512 -5.81 13.58 -15.56
CB MSE A 512 -8.53 14.95 -14.67
CG MSE A 512 -9.78 14.61 -13.85
SE MSE A 512 -9.67 12.82 -12.95
CE MSE A 512 -10.16 11.66 -14.18
H MSE A 512 -7.51 16.56 -13.27
HA MSE A 512 -7.10 13.99 -13.56
HB2 MSE A 512 -8.63 15.88 -14.94
HB3 MSE A 512 -8.55 14.37 -15.45
HG2 MSE A 512 -9.91 15.29 -13.16
HG3 MSE A 512 -10.55 14.60 -14.44
HE1 MSE A 512 -10.16 10.78 -13.79
HE2 MSE A 512 -11.05 11.89 -14.49
HE3 MSE A 512 -9.52 11.71 -14.91
N ALA A 513 -5.39 15.78 -15.43
CA ALA A 513 -4.26 15.66 -16.34
C ALA A 513 -3.14 14.83 -15.71
N TYR A 514 -2.94 14.98 -14.39
CA TYR A 514 -1.93 14.16 -13.73
C TYR A 514 -2.35 12.72 -13.60
N LEU A 515 -3.64 12.46 -13.35
CA LEU A 515 -4.09 11.08 -13.37
C LEU A 515 -3.85 10.46 -14.75
N ASP A 516 -4.09 11.22 -15.82
CA ASP A 516 -3.84 10.70 -17.16
C ASP A 516 -2.36 10.37 -17.38
N LYS A 517 -1.46 11.07 -16.69
CA LYS A 517 -0.03 10.74 -16.82
C LYS A 517 0.26 9.35 -16.22
N VAL A 518 -0.44 9.01 -15.11
CA VAL A 518 -0.31 7.68 -14.52
C VAL A 518 -0.80 6.63 -15.49
N ARG A 519 -1.98 6.86 -16.07
CA ARG A 519 -2.53 5.97 -17.07
C ARG A 519 -1.57 5.79 -18.24
N GLU A 520 -1.06 6.90 -18.76
CA GLU A 520 -0.17 6.80 -19.92
C GLU A 520 1.06 5.94 -19.60
N ARG A 521 1.65 6.13 -18.42
CA ARG A 521 2.80 5.30 -18.04
C ARG A 521 2.42 3.83 -17.99
N ALA A 522 1.18 3.50 -17.60
CA ALA A 522 0.71 2.13 -17.53
C ALA A 522 0.20 1.62 -18.87
N GLY A 523 0.50 2.33 -19.96
CA GLY A 523 0.12 1.86 -21.28
C GLY A 523 -1.30 2.15 -21.68
N LEU A 524 -1.97 3.07 -21.02
CA LEU A 524 -3.39 3.32 -21.24
C LEU A 524 -3.56 4.70 -21.87
N LYS A 525 -4.78 4.92 -22.42
CA LYS A 525 -5.17 6.22 -22.95
C LYS A 525 -5.79 7.09 -21.87
N PRO A 526 -5.86 8.39 -22.10
CA PRO A 526 -6.52 9.27 -21.12
C PRO A 526 -7.95 8.87 -20.85
N VAL A 527 -8.45 9.35 -19.71
CA VAL A 527 -9.78 8.96 -19.25
C VAL A 527 -10.83 9.26 -20.32
N LEU A 528 -10.88 10.51 -20.79
CA LEU A 528 -11.97 10.87 -21.69
C LEU A 528 -11.87 10.13 -23.02
N GLU A 529 -10.66 9.81 -23.47
CA GLU A 529 -10.54 8.96 -24.66
C GLU A 529 -11.04 7.56 -24.38
N SER A 530 -10.68 6.98 -23.23
CA SER A 530 -11.09 5.60 -22.95
C SER A 530 -12.60 5.50 -22.69
N TRP A 531 -13.14 6.41 -21.90
CA TRP A 531 -14.55 6.32 -21.55
C TRP A 531 -15.46 6.84 -22.65
N ALA A 532 -14.90 7.23 -23.79
CA ALA A 532 -15.74 7.52 -24.95
C ALA A 532 -16.46 6.26 -25.41
N ASN A 533 -15.84 5.09 -25.23
CA ASN A 533 -16.36 3.82 -25.72
C ASN A 533 -16.89 2.94 -24.60
N ALA A 534 -17.14 3.49 -23.44
CA ALA A 534 -17.66 2.70 -22.34
C ALA A 534 -19.16 2.46 -22.53
N LYS A 535 -19.65 1.44 -21.83
CA LYS A 535 -21.07 1.12 -21.87
C LYS A 535 -21.92 2.36 -21.65
N VAL A 536 -21.62 3.16 -20.64
CA VAL A 536 -22.20 4.50 -20.48
C VAL A 536 -21.09 5.53 -20.65
N PRO A 537 -20.96 6.14 -21.82
CA PRO A 537 -19.81 7.02 -22.08
C PRO A 537 -19.75 8.19 -21.12
N LEU A 538 -18.53 8.70 -20.97
CA LEU A 538 -18.25 9.90 -20.20
C LEU A 538 -17.47 10.79 -21.14
N THR A 539 -18.01 11.96 -21.43
CA THR A 539 -17.44 12.83 -22.47
C THR A 539 -16.96 14.15 -21.92
N SER A 540 -17.16 14.40 -20.63
CA SER A 540 -16.75 15.64 -20.01
C SER A 540 -16.80 15.43 -18.51
N TYR A 541 -15.92 16.13 -17.81
CA TYR A 541 -15.99 16.14 -16.37
C TYR A 541 -17.07 17.06 -15.86
N ASP A 542 -17.59 17.95 -16.70
CA ASP A 542 -18.54 18.97 -16.23
C ASP A 542 -19.77 18.29 -15.65
N GLY A 543 -20.14 18.71 -14.44
CA GLY A 543 -21.31 18.18 -13.76
C GLY A 543 -21.15 16.77 -13.25
N GLN A 544 -19.95 16.22 -13.27
CA GLN A 544 -19.70 14.87 -12.81
C GLN A 544 -18.63 14.81 -11.73
N CYS A 545 -18.27 15.93 -11.12
CA CYS A 545 -17.22 15.94 -10.12
C CYS A 545 -17.86 15.99 -8.73
N GLY A 546 -17.07 16.36 -7.73
CA GLY A 546 -17.46 16.20 -6.37
C GLY A 546 -17.22 14.77 -5.90
N PRO A 547 -17.33 14.54 -4.60
CA PRO A 547 -16.93 13.22 -4.06
C PRO A 547 -17.89 12.08 -4.40
N ASP A 548 -19.10 12.36 -4.89
CA ASP A 548 -20.10 11.32 -5.14
C ASP A 548 -20.42 11.12 -6.62
N GLY A 549 -19.63 11.72 -7.51
CA GLY A 549 -19.90 11.66 -8.93
C GLY A 549 -19.09 10.57 -9.64
N ARG A 550 -19.35 10.48 -10.94
CA ARG A 550 -18.70 9.46 -11.75
C ARG A 550 -17.18 9.65 -11.79
N VAL A 551 -16.73 10.90 -11.84
CA VAL A 551 -15.31 11.14 -12.02
C VAL A 551 -14.54 10.66 -10.79
N MSE A 552 -15.09 10.88 -9.62
CA MSE A 552 -14.45 10.39 -8.40
C MSE A 552 -14.37 8.87 -8.38
O MSE A 552 -13.38 8.29 -7.88
CB MSE A 552 -15.21 10.84 -7.16
CG MSE A 552 -14.59 10.28 -5.85
SE MSE A 552 -12.79 11.00 -5.55
CE MSE A 552 -13.24 12.68 -4.64
H MSE A 552 -15.84 11.29 -9.50
HA MSE A 552 -13.56 10.77 -8.36
HB2 MSE A 552 -15.19 11.81 -7.11
HB3 MSE A 552 -16.12 10.54 -7.21
HG2 MSE A 552 -15.15 10.52 -5.10
HG3 MSE A 552 -14.52 9.31 -5.91
HE1 MSE A 552 -13.67 12.48 -3.80
HE2 MSE A 552 -12.42 13.19 -4.48
HE3 MSE A 552 -13.82 13.20 -5.20
N LYS A 553 -15.40 8.20 -8.91
CA LYS A 553 -15.35 6.74 -8.98
C LYS A 553 -14.19 6.30 -9.85
N ILE A 554 -13.93 7.05 -10.92
CA ILE A 554 -12.81 6.74 -11.82
C ILE A 554 -11.49 6.94 -11.12
N VAL A 555 -11.35 8.04 -10.40
CA VAL A 555 -10.13 8.30 -9.65
C VAL A 555 -9.86 7.17 -8.65
N ARG A 556 -10.88 6.82 -7.87
CA ARG A 556 -10.69 5.84 -6.82
C ARG A 556 -10.27 4.49 -7.38
N GLN A 557 -10.86 4.07 -8.51
CA GLN A 557 -10.47 2.78 -9.07
C GLN A 557 -9.05 2.86 -9.62
N GLU A 558 -8.69 3.98 -10.23
CA GLU A 558 -7.31 4.13 -10.68
C GLU A 558 -6.32 3.98 -9.52
N ARG A 559 -6.66 4.56 -8.38
CA ARG A 559 -5.80 4.44 -7.21
C ARG A 559 -5.74 3.01 -6.69
N MSE A 560 -6.89 2.34 -6.61
CA MSE A 560 -6.95 0.95 -6.16
C MSE A 560 -6.02 0.08 -6.99
O MSE A 560 -5.42 -0.85 -6.45
CB MSE A 560 -8.40 0.50 -6.27
CG MSE A 560 -9.25 0.83 -5.15
SE MSE A 560 -11.11 0.30 -5.64
CE MSE A 560 -11.53 -0.35 -3.84
H MSE A 560 -7.66 2.66 -6.82
HA MSE A 560 -6.67 0.86 -5.24
HB2 MSE A 560 -8.80 0.91 -7.05
HB3 MSE A 560 -8.41 -0.46 -6.35
HG2 MSE A 560 -8.96 0.34 -4.36
HG3 MSE A 560 -9.22 1.79 -4.97
HE1 MSE A 560 -11.47 0.39 -3.21
HE2 MSE A 560 -12.43 -0.71 -3.84
HE3 MSE A 560 -10.90 -1.05 -3.61
N ILE A 561 -5.93 0.35 -8.30
CA ILE A 561 -5.03 -0.40 -9.16
C ILE A 561 -3.57 0.03 -8.99
N GLU A 562 -3.30 1.33 -9.18
CA GLU A 562 -1.91 1.78 -9.26
C GLU A 562 -1.17 1.51 -7.97
N LEU A 563 -1.85 1.66 -6.83
CA LEU A 563 -1.19 1.50 -5.54
C LEU A 563 -1.44 0.12 -4.94
N TYR A 564 -1.86 -0.85 -5.76
CA TYR A 564 -2.06 -2.24 -5.34
C TYR A 564 -0.88 -2.72 -4.50
N GLN A 565 -1.22 -3.27 -3.34
CA GLN A 565 -0.28 -3.90 -2.40
C GLN A 565 0.80 -2.99 -1.86
N GLU A 566 0.63 -1.67 -1.89
CA GLU A 566 1.61 -0.74 -1.33
C GLU A 566 1.15 -0.07 -0.03
N ASN A 567 0.33 -0.77 0.74
CA ASN A 567 -0.12 -0.37 2.08
C ASN A 567 -1.11 0.78 2.04
N HIS A 568 -1.89 0.92 0.96
CA HIS A 568 -2.88 2.00 0.90
C HIS A 568 -4.31 1.50 1.11
N ASN A 569 -4.64 0.37 0.49
CA ASN A 569 -5.97 -0.25 0.55
C ASN A 569 -6.59 -0.20 1.95
N PHE A 570 -5.82 -0.58 2.96
CA PHE A 570 -6.29 -0.65 4.33
C PHE A 570 -6.89 0.69 4.77
N TRP A 571 -6.24 1.78 4.38
CA TRP A 571 -6.62 3.12 4.79
C TRP A 571 -7.56 3.79 3.80
N ASP A 572 -7.42 3.49 2.51
CA ASP A 572 -8.28 4.13 1.52
C ASP A 572 -9.71 3.62 1.64
N ILE A 573 -9.88 2.28 1.71
CA ILE A 573 -11.22 1.76 1.86
C ILE A 573 -11.88 2.39 3.07
N ARG A 574 -11.12 2.58 4.16
CA ARG A 574 -11.68 3.20 5.36
C ARG A 574 -12.04 4.66 5.13
N ARG A 575 -11.12 5.47 4.57
CA ARG A 575 -11.41 6.91 4.47
C ARG A 575 -12.54 7.18 3.48
N TRP A 576 -12.78 6.28 2.55
CA TRP A 576 -13.87 6.37 1.58
C TRP A 576 -15.18 5.80 2.12
N LYS A 577 -15.16 5.34 3.36
CA LYS A 577 -16.34 4.73 4.02
C LYS A 577 -16.85 3.55 3.21
N MSE A 578 -15.90 2.70 2.78
CA MSE A 578 -16.37 1.57 2.03
C MSE A 578 -16.03 0.27 2.85
O MSE A 578 -15.86 -0.81 2.30
CB MSE A 578 -15.76 1.34 0.62
CG MSE A 578 -16.11 2.44 -0.38
SE MSE A 578 -14.86 2.35 -1.89
CE MSE A 578 -15.53 3.95 -2.84
H MSE A 578 -15.05 2.77 2.91
HA MSE A 578 -17.31 1.76 1.88
HB2 MSE A 578 -14.79 1.30 0.70
HB3 MSE A 578 -16.10 0.49 0.27
HG2 MSE A 578 -17.02 2.31 -0.71
HG3 MSE A 578 -16.04 3.31 0.04
HE1 MSE A 578 -15.46 4.72 -2.26
HE2 MSE A 578 -15.00 4.10 -3.64
HE3 MSE A 578 -16.46 3.81 -3.09
N GLY A 579 -15.93 0.41 4.17
CA GLY A 579 -15.48 -0.68 5.00
C GLY A 579 -16.45 -1.83 5.05
N GLU A 580 -17.76 -1.55 5.10
CA GLU A 580 -18.71 -2.67 5.11
C GLU A 580 -18.71 -3.38 3.76
N THR A 581 -18.68 -2.60 2.68
CA THR A 581 -18.72 -3.16 1.33
C THR A 581 -17.59 -4.15 1.09
N TYR A 582 -16.38 -3.82 1.53
CA TYR A 582 -15.23 -4.64 1.17
C TYR A 582 -14.64 -5.43 2.33
N PHE A 583 -14.62 -4.90 3.54
CA PHE A 583 -13.89 -5.54 4.63
C PHE A 583 -14.78 -6.45 5.47
N ASN A 584 -16.09 -6.46 5.22
CA ASN A 584 -17.01 -7.36 5.89
C ASN A 584 -17.44 -8.51 5.00
N VAL A 585 -16.66 -8.83 3.97
CA VAL A 585 -16.95 -9.91 3.04
CA VAL A 585 -16.93 -9.88 3.00
C VAL A 585 -15.71 -10.78 2.92
N LYS A 586 -15.94 -12.09 2.90
CA LYS A 586 -14.86 -13.06 2.79
C LYS A 586 -14.22 -13.01 1.41
N ALA A 587 -12.93 -13.27 1.37
CA ALA A 587 -12.20 -13.35 0.12
C ALA A 587 -12.73 -14.50 -0.73
N ARG A 588 -12.58 -14.37 -2.04
CA ARG A 588 -12.91 -15.41 -3.00
C ARG A 588 -11.71 -15.78 -3.86
N GLY A 589 -11.70 -17.04 -4.32
CA GLY A 589 -10.68 -17.52 -5.22
C GLY A 589 -11.28 -18.56 -6.16
N LEU A 590 -10.42 -19.12 -7.00
CA LEU A 590 -10.84 -20.21 -7.87
C LEU A 590 -10.78 -21.51 -7.08
N ASN A 591 -11.23 -22.60 -7.72
CA ASN A 591 -11.29 -23.88 -7.03
C ASN A 591 -9.92 -24.55 -7.10
N ILE A 592 -9.09 -24.27 -6.09
CA ILE A 592 -7.71 -24.71 -6.11
C ILE A 592 -7.56 -26.23 -5.95
N LEU A 593 -8.60 -26.92 -5.55
CA LEU A 593 -8.48 -28.38 -5.45
C LEU A 593 -8.71 -29.06 -6.78
N ALA A 594 -9.08 -28.32 -7.81
CA ALA A 594 -9.40 -28.90 -9.10
C ALA A 594 -8.17 -29.57 -9.71
N GLU A 595 -8.41 -30.69 -10.38
CA GLU A 595 -7.39 -31.34 -11.19
C GLU A 595 -7.71 -31.25 -12.67
N THR A 596 -8.76 -30.53 -13.04
CA THR A 596 -9.03 -30.20 -14.42
C THR A 596 -9.37 -28.73 -14.52
N MSE A 597 -9.10 -28.16 -15.69
CA MSE A 597 -9.45 -26.77 -15.98
CA MSE A 597 -9.45 -26.77 -15.95
C MSE A 597 -10.93 -26.53 -15.75
O MSE A 597 -11.32 -25.49 -15.23
CB MSE A 597 -9.05 -26.45 -17.41
CB MSE A 597 -9.03 -26.37 -17.36
CG MSE A 597 -9.05 -24.98 -17.78
CG MSE A 597 -7.54 -26.27 -17.51
SE MSE A 597 -7.48 -24.06 -17.10
SE MSE A 597 -6.80 -24.90 -16.31
CE MSE A 597 -5.99 -25.03 -17.98
CE MSE A 597 -7.66 -23.34 -17.07
H MSE A 597 -8.71 -28.56 -16.34
H MSE A 597 -8.71 -28.56 -16.35
HA MSE A 597 -8.94 -26.18 -15.39
HA MSE A 597 -8.96 -26.20 -15.33
HB2 MSE A 597 -8.16 -26.78 -17.58
HB2 MSE A 597 -9.36 -27.05 -17.98
HB3 MSE A 597 -9.69 -26.89 -18.01
HB3 MSE A 597 -9.41 -25.51 -17.57
HG2 MSE A 597 -9.06 -24.90 -18.74
HG2 MSE A 597 -7.13 -27.13 -17.29
HG3 MSE A 597 -9.84 -24.57 -17.40
HG3 MSE A 597 -7.33 -26.03 -18.42
HE1 MSE A 597 -5.16 -24.65 -17.69
HE1 MSE A 597 -7.60 -22.60 -16.44
HE2 MSE A 597 -6.05 -25.96 -17.75
HE2 MSE A 597 -7.21 -23.10 -17.90
HE3 MSE A 597 -6.09 -24.93 -18.95
HE3 MSE A 597 -8.59 -23.54 -17.26
N GLU A 598 -11.75 -27.51 -16.14
CA GLU A 598 -13.20 -27.35 -16.00
C GLU A 598 -13.61 -27.23 -14.55
N ASP A 599 -13.01 -28.03 -13.68
CA ASP A 599 -13.33 -27.92 -12.26
C ASP A 599 -12.64 -26.72 -11.61
N PHE A 600 -11.54 -26.25 -12.20
CA PHE A 600 -10.84 -25.07 -11.71
C PHE A 600 -11.69 -23.82 -11.88
N ALA A 601 -12.41 -23.72 -12.99
CA ALA A 601 -13.11 -22.48 -13.39
C ALA A 601 -14.44 -22.33 -12.63
N LYS A 602 -14.30 -22.22 -11.32
CA LYS A 602 -15.44 -22.01 -10.42
C LYS A 602 -14.91 -21.12 -9.30
N ILE A 603 -15.72 -20.16 -8.84
CA ILE A 603 -15.32 -19.26 -7.78
C ILE A 603 -15.88 -19.76 -6.46
N VAL A 604 -15.00 -19.88 -5.48
CA VAL A 604 -15.38 -20.38 -4.16
CA VAL A 604 -15.31 -20.41 -4.15
C VAL A 604 -15.02 -19.33 -3.12
N GLU A 605 -15.77 -19.35 -2.03
CA GLU A 605 -15.47 -18.46 -0.91
C GLU A 605 -14.43 -19.10 -0.02
N ILE A 606 -13.42 -18.34 0.33
CA ILE A 606 -12.37 -18.79 1.22
C ILE A 606 -12.84 -18.52 2.64
N GLN A 607 -12.74 -19.53 3.50
CA GLN A 607 -13.49 -19.40 4.75
C GLN A 607 -12.76 -18.58 5.83
N ASP A 608 -11.59 -18.03 5.54
CA ASP A 608 -10.87 -17.22 6.52
C ASP A 608 -11.76 -16.06 6.97
N LYS A 609 -11.85 -15.85 8.29
CA LYS A 609 -12.70 -14.81 8.84
C LYS A 609 -12.34 -13.45 8.29
N ARG A 610 -13.34 -12.73 7.77
CA ARG A 610 -13.16 -11.34 7.34
C ARG A 610 -14.39 -10.59 7.84
N THR A 611 -14.20 -9.70 8.80
CA THR A 611 -15.31 -8.95 9.37
C THR A 611 -14.89 -7.51 9.58
N PHE A 612 -15.89 -6.65 9.46
CA PHE A 612 -15.74 -5.20 9.64
C PHE A 612 -17.05 -4.68 10.18
N ASP A 613 -17.00 -4.10 11.35
CA ASP A 613 -18.17 -3.51 12.00
C ASP A 613 -18.13 -2.00 11.81
N ALA A 614 -18.99 -1.48 10.91
CA ALA A 614 -19.03 -0.06 10.67
C ALA A 614 -20.03 0.63 11.61
N PRO A 615 -19.77 1.86 12.09
CA PRO A 615 -18.56 2.66 11.86
C PRO A 615 -17.38 2.40 12.82
N ARG A 616 -17.58 1.56 13.82
CA ARG A 616 -16.57 1.38 14.87
C ARG A 616 -15.17 1.16 14.29
N GLN A 617 -15.04 0.24 13.32
CA GLN A 617 -13.72 -0.23 12.92
C GLN A 617 -13.10 0.60 11.81
N TYR A 618 -13.67 1.76 11.49
CA TYR A 618 -12.96 2.74 10.66
C TYR A 618 -11.75 3.33 11.38
N LEU A 619 -11.81 3.42 12.69
CA LEU A 619 -10.71 3.87 13.52
C LEU A 619 -10.31 2.73 14.45
N MSE A 620 -9.05 2.73 14.84
CA MSE A 620 -8.59 1.76 15.80
C MSE A 620 -8.88 2.10 17.25
O MSE A 620 -9.11 3.27 17.58
CB MSE A 620 -7.10 1.53 15.63
CG MSE A 620 -6.61 1.26 14.23
SE MSE A 620 -7.49 -0.34 13.46
CE MSE A 620 -8.72 0.36 12.49
H MSE A 620 -8.44 3.29 14.56
HA MSE A 620 -9.07 0.95 15.60
HB2 MSE A 620 -6.63 2.32 15.94
HB3 MSE A 620 -6.84 0.77 16.17
HG2 MSE A 620 -6.81 2.02 13.66
HG3 MSE A 620 -5.65 1.10 14.25
HE1 MSE A 620 -8.32 0.93 11.83
HE2 MSE A 620 -9.23 -0.36 12.06
HE3 MSE A 620 -9.32 0.87 13.06
N PRO A 621 -8.89 1.09 18.10
CA PRO A 621 -9.27 1.32 19.51
C PRO A 621 -8.14 1.98 20.31
N ILE A 622 -8.53 2.93 21.15
CA ILE A 622 -7.62 3.41 22.20
C ILE A 622 -7.46 2.30 23.24
N PRO A 623 -6.25 2.01 23.72
CA PRO A 623 -6.12 1.00 24.77
C PRO A 623 -7.03 1.31 25.96
N ALA A 624 -7.71 0.27 26.45
CA ALA A 624 -8.75 0.46 27.47
C ALA A 624 -8.21 1.19 28.70
N GLY A 625 -7.00 0.84 29.13
CA GLY A 625 -6.46 1.46 30.33
C GLY A 625 -6.29 2.96 30.20
N GLU A 626 -6.09 3.46 28.98
CA GLU A 626 -5.90 4.89 28.79
C GLU A 626 -7.15 5.67 29.14
N VAL A 627 -8.32 5.15 28.78
CA VAL A 627 -9.55 5.86 29.11
C VAL A 627 -9.82 5.81 30.61
N SER A 628 -9.34 4.76 31.28
CA SER A 628 -9.53 4.66 32.72
C SER A 628 -8.65 5.62 33.49
N LYS A 629 -7.45 5.91 32.99
CA LYS A 629 -6.49 6.70 33.75
C LYS A 629 -6.81 8.18 33.70
N ASN A 630 -7.30 8.68 32.59
CA ASN A 630 -7.52 10.12 32.44
C ASN A 630 -8.98 10.38 32.13
N PRO A 631 -9.71 11.04 33.04
CA PRO A 631 -11.17 11.20 32.82
C PRO A 631 -11.49 11.99 31.58
N ASN A 632 -10.58 12.81 31.09
CA ASN A 632 -10.80 13.61 29.89
C ASN A 632 -10.43 12.85 28.61
N MSE A 633 -10.03 11.60 28.72
CA MSE A 633 -9.71 10.78 27.57
C MSE A 633 -11.00 10.08 27.13
O MSE A 633 -11.72 9.50 27.94
CB MSE A 633 -8.65 9.76 27.93
CG MSE A 633 -8.26 8.84 26.79
SE MSE A 633 -7.05 9.85 25.64
CE MSE A 633 -5.43 9.90 26.67
H MSE A 633 -9.92 11.19 29.47
HA MSE A 633 -9.35 11.31 26.84
HB2 MSE A 633 -7.84 10.23 28.20
HB3 MSE A 633 -8.98 9.21 28.65
HG2 MSE A 633 -7.81 8.05 27.12
HG3 MSE A 633 -9.05 8.57 26.28
HE1 MSE A 633 -5.11 8.99 26.80
HE2 MSE A 633 -4.77 10.43 26.20
HE3 MSE A 633 -5.62 10.31 27.53
N VAL A 634 -11.32 10.13 25.84
CA VAL A 634 -12.49 9.44 25.31
C VAL A 634 -12.02 8.33 24.38
N GLN A 635 -12.72 7.19 24.45
CA GLN A 635 -12.53 6.08 23.53
C GLN A 635 -13.12 6.45 22.16
N ASN A 636 -12.68 5.71 21.13
CA ASN A 636 -13.30 5.88 19.83
C ASN A 636 -14.69 5.21 19.77
N PRO A 637 -15.58 5.78 18.97
CA PRO A 637 -16.98 5.34 18.99
C PRO A 637 -17.11 3.85 18.83
N GLY A 638 -17.93 3.24 19.70
CA GLY A 638 -18.28 1.84 19.61
C GLY A 638 -17.36 0.91 20.34
N TYR A 639 -16.16 1.35 20.67
CA TYR A 639 -15.30 0.54 21.46
C TYR A 639 -15.53 0.75 22.99
C1 PEG B . 19.89 7.21 -3.30
O1 PEG B . 20.86 6.23 -2.91
C2 PEG B . 19.35 6.99 -4.66
O2 PEG B . 17.97 7.35 -4.68
C3 PEG B . 17.64 8.27 -5.69
C4 PEG B . 16.62 9.22 -5.17
O4 PEG B . 15.31 8.76 -5.43
H11 PEG B . 20.31 8.09 -3.27
H12 PEG B . 19.16 7.19 -2.65
HO1 PEG B . 21.48 6.55 -2.43
H21 PEG B . 19.44 6.04 -4.89
H22 PEG B . 19.83 7.51 -5.30
H31 PEG B . 17.29 7.81 -6.47
H32 PEG B . 18.44 8.77 -5.95
H41 PEG B . 16.74 10.08 -5.59
H42 PEG B . 16.74 9.30 -4.21
HO4 PEG B . 15.15 8.64 -6.25
C1 EDO C . -6.76 -26.78 0.41
O1 EDO C . -5.78 -27.21 1.37
C2 EDO C . -7.72 -25.75 1.01
O2 EDO C . -8.89 -25.66 0.16
H11 EDO C . -7.33 -27.66 0.07
H12 EDO C . -6.26 -26.36 -0.46
HO1 EDO C . -5.29 -27.96 1.02
H21 EDO C . -7.24 -24.78 1.07
H22 EDO C . -8.03 -26.06 2.01
HO2 EDO C . -9.63 -26.12 0.57
#